data_4F7S
#
_entry.id   4F7S
#
_cell.length_a   70.498
_cell.length_b   70.774
_cell.length_c   170.141
_cell.angle_alpha   90.00
_cell.angle_beta   90.00
_cell.angle_gamma   90.00
#
_symmetry.space_group_name_H-M   'P 21 21 21'
#
loop_
_entity.id
_entity.type
_entity.pdbx_description
1 polymer 'Cyclin-dependent kinase 8'
2 polymer Cyclin-C
3 non-polymer N-(2-phenylethyl)quinazolin-4-amine
4 non-polymer 1,2-ETHANEDIOL
5 non-polymer 'FORMIC ACID'
6 water water
#
loop_
_entity_poly.entity_id
_entity_poly.type
_entity_poly.pdbx_seq_one_letter_code
_entity_poly.pdbx_strand_id
1 'polypeptide(L)'
;DKMDYDFKVKLSSERERVEDLFEYEGCKVGRGTYGHVYKAKRKDGKDDKDYALKQIEGTGISMSACREIALLRELKHPNV
ISLQKVFLSHADRKVWLLFDYAEHDLWHIIKFHRASKANKKPVQLPRGMVKSLLYQILDGIHYLHANWVLHRDLKPANIL
VMGEGPERGRVKIADMGFARLFNSPLKPLADLDPVVVTFWYRAPELLLGARHYTKAIDIWAIGCIFAELLTSEPIFHCRQ
EDIKTSNPYHHDQLDRIFNVMGFPADKDWEDIKKMPEHSTLMKDFRRNTYTNCSLIKYMEKHKVKPDSKAFHLLQKLLTM
DPIKRITSEQAMQDPYFLEDPLPTSDVFAGCQIPYPKREFLTEEEPDDKGDKKNQQQQQGNNHTNGTGHPGNQDSSHTQG
PPLKK
;
A
2 'polypeptide(L)'
;DDKAMAGNFWQSSHYLQWILDKQDLLKERQKDLKFLSEEEYWKLQIFFTNVIQALGEHLKLRQQVIATATVYFKRFYARY
SLKSIDPVLMAPTCVFLASKVEEFGVVSNTRLIAAATSVLKTRFSYAFPKEFPYRMNHILECEFYLLELMDCCLIVYHPY
RPLLQYVQDMGQEDMLLPLAWRIVNDTYRTDLCLLYPPFMIALACLHVACVVQQKDARQWFAELSVDMEKILEIIRVILK
LYEQWKNFDERKEMATILSKMPKPKPPPNSEGEQGPNGSQNSSYSQS
;
B
#
loop_
_chem_comp.id
_chem_comp.type
_chem_comp.name
_chem_comp.formula
0SW non-polymer N-(2-phenylethyl)quinazolin-4-amine 'C16 H15 N3'
EDO non-polymer 1,2-ETHANEDIOL 'C2 H6 O2'
FMT non-polymer 'FORMIC ACID' 'C H2 O2'
#
# COMPACT_ATOMS: atom_id res chain seq x y z
N MET A 3 6.04 20.34 22.47
CA MET A 3 4.78 19.52 22.53
C MET A 3 4.01 19.89 23.79
N ASP A 4 2.71 20.14 23.65
CA ASP A 4 1.89 20.57 24.78
C ASP A 4 1.75 19.43 25.78
N TYR A 5 1.95 19.77 27.06
CA TYR A 5 1.99 18.77 28.13
C TYR A 5 0.63 18.11 28.39
N ASP A 6 -0.46 18.89 28.36
CA ASP A 6 -1.81 18.37 28.57
C ASP A 6 -2.22 17.45 27.43
N PHE A 7 -1.94 17.88 26.20
CA PHE A 7 -2.08 17.05 25.01
C PHE A 7 -1.34 15.71 25.18
N LYS A 8 -0.08 15.79 25.61
CA LYS A 8 0.78 14.60 25.81
C LYS A 8 0.24 13.60 26.82
N VAL A 9 -0.12 14.08 28.02
CA VAL A 9 -0.61 13.21 29.10
C VAL A 9 -2.02 12.66 28.83
N LYS A 10 -2.87 13.46 28.19
CA LYS A 10 -4.19 13.00 27.73
C LYS A 10 -4.07 11.82 26.74
N LEU A 11 -3.21 11.96 25.73
CA LEU A 11 -3.03 10.88 24.75
C LEU A 11 -2.39 9.64 25.39
N SER A 12 -1.41 9.85 26.27
CA SER A 12 -0.84 8.76 27.05
C SER A 12 -1.87 7.99 27.89
N SER A 13 -2.74 8.75 28.59
CA SER A 13 -3.81 8.18 29.40
C SER A 13 -4.77 7.31 28.58
N GLU A 14 -5.10 7.79 27.39
CA GLU A 14 -6.05 7.12 26.49
C GLU A 14 -5.46 6.01 25.58
N ARG A 15 -4.13 5.91 25.49
CA ARG A 15 -3.51 5.02 24.51
C ARG A 15 -3.65 3.55 24.87
N GLU A 16 -4.19 2.76 23.94
CA GLU A 16 -4.27 1.32 24.10
C GLU A 16 -2.88 0.72 23.88
N ARG A 17 -2.44 -0.10 24.85
CA ARG A 17 -1.16 -0.80 24.80
C ARG A 17 -1.43 -2.28 24.57
N VAL A 18 -0.61 -2.90 23.71
CA VAL A 18 -0.79 -4.30 23.32
C VAL A 18 -0.67 -5.24 24.52
N GLU A 19 0.31 -5.00 25.39
CA GLU A 19 0.51 -5.82 26.60
C GLU A 19 -0.64 -5.78 27.64
N ASP A 20 -1.47 -4.74 27.60
CA ASP A 20 -2.68 -4.65 28.46
C ASP A 20 -3.87 -5.41 27.90
N LEU A 21 -4.03 -5.38 26.58
CA LEU A 21 -5.20 -5.98 25.92
C LEU A 21 -5.05 -7.46 25.57
N PHE A 22 -3.83 -7.94 25.35
CA PHE A 22 -3.60 -9.29 24.81
C PHE A 22 -2.59 -10.09 25.61
N GLU A 23 -2.93 -11.37 25.82
CA GLU A 23 -2.02 -12.37 26.39
C GLU A 23 -1.35 -13.06 25.21
N TYR A 24 -0.04 -12.87 25.07
CA TYR A 24 0.76 -13.46 23.98
C TYR A 24 2.16 -13.99 24.37
N GLU A 25 2.61 -13.73 25.60
CA GLU A 25 3.95 -14.13 26.04
C GLU A 25 4.15 -15.64 25.99
N GLY A 26 5.18 -16.07 25.26
CA GLY A 26 5.48 -17.48 25.05
C GLY A 26 4.71 -18.15 23.93
N CYS A 27 3.91 -17.40 23.17
CA CYS A 27 3.04 -17.95 22.13
C CYS A 27 3.48 -17.54 20.71
N LYS A 28 4.78 -17.39 20.52
CA LYS A 28 5.37 -17.09 19.21
C LYS A 28 5.15 -18.27 18.24
N VAL A 29 4.64 -17.96 17.05
CA VAL A 29 4.36 -18.96 15.98
C VAL A 29 5.08 -18.72 14.64
N GLY A 30 5.57 -17.51 14.39
CA GLY A 30 6.37 -17.17 13.21
C GLY A 30 7.59 -16.35 13.64
N ARG A 31 8.71 -16.52 12.95
CA ARG A 31 9.98 -15.89 13.33
C ARG A 31 10.80 -15.40 12.14
N GLY A 32 10.12 -14.81 11.15
CA GLY A 32 10.76 -14.32 9.94
C GLY A 32 11.60 -13.06 10.10
N THR A 33 12.12 -12.56 8.98
CA THR A 33 12.90 -11.32 8.94
C THR A 33 12.01 -10.07 9.05
N TYR A 34 10.83 -10.13 8.44
CA TYR A 34 9.85 -9.03 8.46
C TYR A 34 9.29 -8.73 9.86
N GLY A 35 9.11 -9.76 10.68
CA GLY A 35 8.63 -9.59 12.06
C GLY A 35 8.13 -10.88 12.69
N HIS A 36 8.24 -10.98 14.01
CA HIS A 36 7.76 -12.15 14.76
C HIS A 36 6.23 -12.12 14.93
N VAL A 37 5.60 -13.29 14.80
CA VAL A 37 4.15 -13.44 14.92
C VAL A 37 3.81 -14.25 16.18
N TYR A 38 2.81 -13.79 16.93
CA TYR A 38 2.34 -14.45 18.15
C TYR A 38 0.85 -14.81 18.06
N LYS A 39 0.48 -15.95 18.64
CA LYS A 39 -0.92 -16.29 18.85
C LYS A 39 -1.36 -15.56 20.14
N ALA A 40 -2.41 -14.77 20.03
CA ALA A 40 -2.85 -13.92 21.12
C ALA A 40 -4.30 -14.20 21.51
N LYS A 41 -4.60 -14.01 22.80
CA LYS A 41 -5.96 -14.08 23.31
C LYS A 41 -6.30 -12.74 23.99
N ARG A 42 -7.53 -12.30 23.83
CA ARG A 42 -8.00 -11.05 24.44
C ARG A 42 -8.08 -11.22 25.96
N LYS A 43 -7.53 -10.25 26.71
CA LYS A 43 -7.57 -10.26 28.18
C LYS A 43 -8.89 -9.71 28.72
N ASP A 44 -9.45 -8.70 28.05
CA ASP A 44 -10.58 -7.95 28.56
C ASP A 44 -11.92 -8.69 28.52
N GLY A 45 -12.51 -8.76 27.33
CA GLY A 45 -13.90 -9.19 27.17
C GLY A 45 -14.11 -10.69 27.19
N LYS A 46 -13.38 -11.54 27.68
CA LYS A 46 -13.56 -13.00 27.62
C LYS A 46 -13.77 -13.50 26.19
N ASP A 47 -12.95 -13.03 25.26
CA ASP A 47 -13.05 -13.35 23.85
C ASP A 47 -12.62 -14.80 23.63
N ASP A 48 -13.48 -15.58 22.97
CA ASP A 48 -13.16 -16.96 22.62
C ASP A 48 -12.15 -17.06 21.46
N LYS A 49 -12.18 -16.07 20.56
CA LYS A 49 -11.41 -16.11 19.32
C LYS A 49 -9.91 -15.90 19.54
N ASP A 50 -9.12 -16.53 18.67
CA ASP A 50 -7.67 -16.36 18.66
C ASP A 50 -7.30 -15.24 17.70
N TYR A 51 -6.22 -14.53 18.03
CA TYR A 51 -5.71 -13.45 17.19
C TYR A 51 -4.24 -13.68 16.88
N ALA A 52 -3.77 -13.01 15.82
CA ALA A 52 -2.36 -12.98 15.46
C ALA A 52 -1.82 -11.57 15.69
N LEU A 53 -0.74 -11.46 16.47
CA LEU A 53 -0.04 -10.20 16.68
C LEU A 53 1.32 -10.28 15.99
N LYS A 54 1.56 -9.38 15.04
CA LYS A 54 2.85 -9.26 14.36
C LYS A 54 3.61 -8.06 14.96
N GLN A 55 4.74 -8.32 15.61
CA GLN A 55 5.66 -7.26 16.02
C GLN A 55 6.63 -7.00 14.86
N ILE A 56 6.58 -5.80 14.28
CA ILE A 56 7.40 -5.48 13.10
C ILE A 56 8.88 -5.38 13.50
N GLU A 57 9.75 -6.00 12.71
CA GLU A 57 11.19 -6.07 12.99
C GLU A 57 11.85 -4.68 12.91
N GLY A 58 12.78 -4.41 13.82
CA GLY A 58 13.41 -3.10 13.94
C GLY A 58 12.57 -2.14 14.77
N THR A 59 13.02 -0.88 14.84
CA THR A 59 12.32 0.17 15.58
C THR A 59 11.86 1.28 14.62
N GLY A 60 11.01 2.17 15.13
CA GLY A 60 10.51 3.30 14.36
C GLY A 60 9.49 2.87 13.32
N ILE A 61 9.38 3.66 12.25
CA ILE A 61 8.52 3.34 11.12
C ILE A 61 9.40 3.41 9.88
N SER A 62 9.89 2.24 9.45
CA SER A 62 10.71 2.15 8.24
C SER A 62 9.83 2.26 7.00
N MET A 63 10.45 2.32 5.85
CA MET A 63 9.70 2.43 4.60
C MET A 63 8.78 1.22 4.41
N SER A 64 9.31 0.03 4.67
CA SER A 64 8.53 -1.21 4.57
C SER A 64 7.38 -1.25 5.55
N ALA A 65 7.62 -0.81 6.78
CA ALA A 65 6.56 -0.71 7.79
C ALA A 65 5.46 0.27 7.37
N CYS A 66 5.86 1.43 6.83
CA CYS A 66 4.90 2.44 6.39
CA CYS A 66 4.91 2.45 6.38
C CYS A 66 3.98 1.93 5.28
N ARG A 67 4.58 1.34 4.24
CA ARG A 67 3.82 0.81 3.11
C ARG A 67 2.90 -0.34 3.46
N GLU A 68 3.36 -1.21 4.35
CA GLU A 68 2.54 -2.33 4.83
C GLU A 68 1.31 -1.83 5.58
N ILE A 69 1.51 -0.87 6.48
CA ILE A 69 0.41 -0.23 7.19
C ILE A 69 -0.52 0.51 6.23
N ALA A 70 0.05 1.27 5.28
CA ALA A 70 -0.72 2.05 4.31
C ALA A 70 -1.65 1.18 3.45
N LEU A 71 -1.13 0.08 2.92
CA LEU A 71 -1.90 -0.80 2.05
C LEU A 71 -2.88 -1.70 2.83
N LEU A 72 -2.44 -2.31 3.93
CA LEU A 72 -3.35 -3.12 4.76
C LEU A 72 -4.53 -2.31 5.33
N ARG A 73 -4.29 -1.05 5.67
CA ARG A 73 -5.36 -0.13 6.09
C ARG A 73 -6.50 0.04 5.06
N GLU A 74 -6.21 -0.15 3.78
CA GLU A 74 -7.20 0.00 2.70
C GLU A 74 -7.76 -1.30 2.13
N LEU A 75 -6.96 -2.37 2.13
CA LEU A 75 -7.33 -3.63 1.47
C LEU A 75 -8.39 -4.39 2.28
N LYS A 76 -9.51 -4.70 1.64
CA LYS A 76 -10.60 -5.42 2.29
C LYS A 76 -11.21 -6.41 1.30
N HIS A 77 -10.89 -7.69 1.51
CA HIS A 77 -11.39 -8.79 0.68
C HIS A 77 -11.34 -10.08 1.51
N PRO A 78 -12.34 -10.98 1.34
CA PRO A 78 -12.38 -12.20 2.16
C PRO A 78 -11.14 -13.10 2.11
N ASN A 79 -10.46 -13.15 0.97
CA ASN A 79 -9.25 -13.96 0.77
C ASN A 79 -7.92 -13.21 0.90
N VAL A 80 -7.95 -11.99 1.45
CA VAL A 80 -6.73 -11.28 1.81
C VAL A 80 -6.78 -11.01 3.31
N ILE A 81 -5.66 -11.30 3.98
CA ILE A 81 -5.56 -11.14 5.44
C ILE A 81 -5.95 -9.69 5.83
N SER A 82 -6.73 -9.58 6.90
CA SER A 82 -7.44 -8.35 7.23
C SER A 82 -6.91 -7.69 8.52
N LEU A 83 -6.31 -6.51 8.38
CA LEU A 83 -5.75 -5.78 9.53
C LEU A 83 -6.86 -5.26 10.43
N GLN A 84 -6.85 -5.65 11.71
CA GLN A 84 -7.87 -5.22 12.67
C GLN A 84 -7.47 -3.95 13.43
N LYS A 85 -6.20 -3.83 13.78
CA LYS A 85 -5.71 -2.75 14.65
C LYS A 85 -4.21 -2.61 14.54
N VAL A 86 -3.73 -1.37 14.67
CA VAL A 86 -2.31 -1.08 14.80
C VAL A 86 -2.04 -0.48 16.18
N PHE A 87 -1.06 -1.04 16.90
CA PHE A 87 -0.56 -0.46 18.15
C PHE A 87 0.82 0.12 17.93
N LEU A 88 1.03 1.37 18.37
CA LEU A 88 2.32 2.05 18.33
C LEU A 88 2.85 2.19 19.76
N SER A 89 3.84 1.37 20.10
CA SER A 89 4.41 1.37 21.45
C SER A 89 5.49 2.43 21.51
N HIS A 90 5.19 3.52 22.22
CA HIS A 90 6.05 4.72 22.27
C HIS A 90 7.39 4.48 22.97
N ALA A 91 7.35 3.78 24.11
CA ALA A 91 8.52 3.55 24.97
C ALA A 91 9.71 2.89 24.26
N ASP A 92 9.42 1.82 23.52
CA ASP A 92 10.45 1.06 22.78
C ASP A 92 10.40 1.27 21.25
N ARG A 93 9.51 2.15 20.78
CA ARG A 93 9.34 2.47 19.35
C ARG A 93 9.02 1.26 18.45
N LYS A 94 8.21 0.34 18.96
CA LYS A 94 7.79 -0.85 18.21
C LYS A 94 6.37 -0.70 17.69
N VAL A 95 6.10 -1.35 16.57
CA VAL A 95 4.80 -1.33 15.90
C VAL A 95 4.22 -2.74 15.91
N TRP A 96 2.98 -2.88 16.38
CA TRP A 96 2.30 -4.17 16.44
C TRP A 96 1.07 -4.14 15.55
N LEU A 97 0.86 -5.22 14.79
CA LEU A 97 -0.28 -5.35 13.88
C LEU A 97 -1.13 -6.51 14.37
N LEU A 98 -2.43 -6.29 14.48
CA LEU A 98 -3.38 -7.30 14.96
C LEU A 98 -4.18 -7.84 13.77
N PHE A 99 -4.22 -9.17 13.66
CA PHE A 99 -5.09 -9.87 12.70
C PHE A 99 -5.87 -10.99 13.39
N ASP A 100 -6.91 -11.49 12.72
CA ASP A 100 -7.55 -12.74 13.12
C ASP A 100 -6.56 -13.88 12.87
N TYR A 101 -6.56 -14.87 13.75
CA TYR A 101 -5.60 -15.98 13.71
C TYR A 101 -6.02 -17.04 12.71
N ALA A 102 -5.12 -17.39 11.79
CA ALA A 102 -5.30 -18.52 10.86
C ALA A 102 -4.52 -19.76 11.34
N GLU A 103 -5.24 -20.77 11.82
CA GLU A 103 -4.63 -22.01 12.34
C GLU A 103 -3.72 -22.73 11.34
N HIS A 104 -4.05 -22.68 10.04
CA HIS A 104 -3.34 -23.46 9.03
C HIS A 104 -2.71 -22.62 7.93
N ASP A 105 -1.92 -23.29 7.12
CA ASP A 105 -1.35 -22.71 5.92
C ASP A 105 -0.93 -23.82 4.97
N LEU A 106 -0.67 -23.47 3.71
CA LEU A 106 -0.37 -24.49 2.71
C LEU A 106 0.97 -25.19 2.88
N TRP A 107 1.95 -24.52 3.51
CA TRP A 107 3.24 -25.17 3.81
C TRP A 107 3.01 -26.38 4.71
N HIS A 108 2.32 -26.17 5.81
CA HIS A 108 1.98 -27.25 6.76
C HIS A 108 0.99 -28.28 6.18
N ILE A 109 -0.03 -27.83 5.45
CA ILE A 109 -0.98 -28.75 4.81
C ILE A 109 -0.27 -29.65 3.77
N ILE A 110 0.53 -29.05 2.90
CA ILE A 110 1.27 -29.83 1.90
C ILE A 110 2.29 -30.78 2.57
N LYS A 111 3.01 -30.31 3.58
CA LYS A 111 3.99 -31.14 4.29
C LYS A 111 3.34 -32.36 4.96
N PHE A 112 2.17 -32.16 5.57
CA PHE A 112 1.35 -33.23 6.15
C PHE A 112 1.03 -34.35 5.14
N HIS A 113 0.58 -33.98 3.94
CA HIS A 113 0.30 -34.97 2.88
C HIS A 113 1.57 -35.69 2.41
N ARG A 114 2.64 -34.93 2.18
CA ARG A 114 3.95 -35.47 1.80
C ARG A 114 4.51 -36.44 2.86
N ALA A 115 4.35 -36.07 4.14
CA ALA A 115 4.72 -36.95 5.26
C ALA A 115 3.79 -38.16 5.42
N SER A 116 2.51 -38.01 5.05
CA SER A 116 1.52 -39.08 5.18
C SER A 116 1.76 -40.22 4.19
N LYS A 117 1.96 -39.86 2.91
CA LYS A 117 2.20 -40.85 1.85
C LYS A 117 3.56 -41.54 2.00
N GLN A 124 -5.45 -33.23 -0.13
CA GLN A 124 -6.53 -33.24 -1.11
C GLN A 124 -7.61 -34.29 -0.86
N LEU A 125 -8.04 -34.41 0.39
CA LEU A 125 -8.94 -35.48 0.83
C LEU A 125 -10.37 -35.35 0.28
N PRO A 126 -11.08 -34.26 0.67
CA PRO A 126 -12.33 -33.93 -0.01
C PRO A 126 -12.03 -33.51 -1.46
N ARG A 127 -12.81 -34.03 -2.41
CA ARG A 127 -12.44 -33.98 -3.84
C ARG A 127 -12.33 -32.57 -4.46
N GLY A 128 -13.00 -31.59 -3.85
CA GLY A 128 -12.89 -30.19 -4.26
C GLY A 128 -11.90 -29.32 -3.48
N MET A 129 -11.01 -29.92 -2.67
CA MET A 129 -10.11 -29.12 -1.80
C MET A 129 -9.06 -28.36 -2.60
N VAL A 130 -8.34 -29.06 -3.46
CA VAL A 130 -7.31 -28.45 -4.31
C VAL A 130 -7.91 -27.35 -5.18
N LYS A 131 -9.07 -27.66 -5.80
CA LYS A 131 -9.77 -26.71 -6.66
C LYS A 131 -10.25 -25.49 -5.90
N SER A 132 -10.86 -25.71 -4.74
CA SER A 132 -11.34 -24.60 -3.91
C SER A 132 -10.21 -23.71 -3.42
N LEU A 133 -9.09 -24.32 -3.02
CA LEU A 133 -7.89 -23.55 -2.65
C LEU A 133 -7.39 -22.69 -3.80
N LEU A 134 -7.22 -23.30 -4.98
CA LEU A 134 -6.80 -22.57 -6.18
C LEU A 134 -7.72 -21.40 -6.50
N TYR A 135 -9.03 -21.61 -6.44
CA TYR A 135 -10.00 -20.57 -6.79
C TYR A 135 -9.91 -19.37 -5.85
N GLN A 136 -9.81 -19.64 -4.55
CA GLN A 136 -9.72 -18.58 -3.53
C GLN A 136 -8.38 -17.82 -3.57
N ILE A 137 -7.29 -18.52 -3.86
CA ILE A 137 -5.99 -17.87 -4.09
C ILE A 137 -6.08 -16.91 -5.30
N LEU A 138 -6.70 -17.36 -6.40
CA LEU A 138 -6.88 -16.51 -7.59
C LEU A 138 -7.78 -15.31 -7.30
N ASP A 139 -8.84 -15.54 -6.52
CA ASP A 139 -9.77 -14.49 -6.14
C ASP A 139 -9.09 -13.38 -5.30
N GLY A 140 -8.28 -13.77 -4.32
CA GLY A 140 -7.51 -12.81 -3.51
C GLY A 140 -6.46 -12.04 -4.31
N ILE A 141 -5.66 -12.75 -5.11
CA ILE A 141 -4.65 -12.14 -5.97
C ILE A 141 -5.28 -11.21 -7.02
N HIS A 142 -6.43 -11.61 -7.57
CA HIS A 142 -7.18 -10.78 -8.51
C HIS A 142 -7.59 -9.45 -7.88
N TYR A 143 -8.03 -9.49 -6.63
CA TYR A 143 -8.38 -8.29 -5.90
C TYR A 143 -7.17 -7.38 -5.71
N LEU A 144 -6.03 -7.94 -5.33
CA LEU A 144 -4.78 -7.16 -5.24
C LEU A 144 -4.41 -6.54 -6.59
N HIS A 145 -4.37 -7.38 -7.62
CA HIS A 145 -4.01 -6.94 -8.97
C HIS A 145 -4.94 -5.87 -9.53
N ALA A 146 -6.24 -6.00 -9.30
CA ALA A 146 -7.22 -4.96 -9.71
C ALA A 146 -7.00 -3.60 -9.00
N ASN A 147 -6.40 -3.62 -7.81
CA ASN A 147 -5.99 -2.41 -7.09
C ASN A 147 -4.52 -2.00 -7.33
N TRP A 148 -3.87 -2.58 -8.35
CA TRP A 148 -2.46 -2.29 -8.70
C TRP A 148 -1.49 -2.58 -7.56
N VAL A 149 -1.75 -3.65 -6.81
CA VAL A 149 -0.91 -4.13 -5.73
C VAL A 149 -0.44 -5.53 -6.15
N LEU A 150 0.88 -5.73 -6.13
CA LEU A 150 1.48 -7.02 -6.42
C LEU A 150 1.80 -7.68 -5.07
N HIS A 151 1.82 -9.02 -5.03
CA HIS A 151 2.23 -9.74 -3.82
C HIS A 151 3.76 -9.75 -3.73
N ARG A 152 4.40 -10.25 -4.79
CA ARG A 152 5.85 -10.26 -4.98
C ARG A 152 6.65 -11.30 -4.18
N ASP A 153 5.95 -12.14 -3.40
CA ASP A 153 6.60 -13.15 -2.55
C ASP A 153 5.66 -14.34 -2.29
N LEU A 154 4.92 -14.75 -3.32
CA LEU A 154 3.94 -15.84 -3.18
C LEU A 154 4.60 -17.21 -3.05
N LYS A 155 4.18 -17.93 -2.02
CA LYS A 155 4.65 -19.29 -1.76
C LYS A 155 3.67 -19.95 -0.78
N PRO A 156 3.72 -21.30 -0.62
CA PRO A 156 2.76 -21.98 0.26
C PRO A 156 2.65 -21.45 1.71
N ALA A 157 3.76 -21.00 2.29
CA ALA A 157 3.76 -20.50 3.68
C ALA A 157 2.95 -19.19 3.86
N ASN A 158 2.81 -18.43 2.77
CA ASN A 158 2.02 -17.18 2.74
C ASN A 158 0.54 -17.35 2.31
N ILE A 159 0.11 -18.59 2.05
CA ILE A 159 -1.30 -18.91 1.82
C ILE A 159 -1.83 -19.53 3.13
N LEU A 160 -2.42 -18.71 3.98
CA LEU A 160 -3.00 -19.18 5.23
C LEU A 160 -4.38 -19.81 4.94
N VAL A 161 -4.86 -20.64 5.85
CA VAL A 161 -6.22 -21.17 5.80
C VAL A 161 -6.80 -21.14 7.21
N MET A 162 -7.99 -20.53 7.35
CA MET A 162 -8.67 -20.42 8.64
C MET A 162 -9.17 -21.79 9.13
N GLY A 163 -9.05 -22.00 10.44
CA GLY A 163 -9.53 -23.22 11.09
C GLY A 163 -10.93 -23.03 11.63
N GLU A 164 -11.26 -23.80 12.67
CA GLU A 164 -12.62 -23.82 13.24
C GLU A 164 -13.07 -22.42 13.66
N GLY A 165 -14.31 -22.07 13.32
CA GLY A 165 -14.85 -20.72 13.52
C GLY A 165 -15.78 -20.29 12.40
N PRO A 166 -16.16 -18.99 12.37
CA PRO A 166 -17.05 -18.47 11.33
C PRO A 166 -16.49 -18.53 9.91
N GLU A 167 -15.17 -18.44 9.75
CA GLU A 167 -14.52 -18.46 8.42
C GLU A 167 -13.81 -19.78 8.09
N ARG A 168 -14.28 -20.88 8.68
CA ARG A 168 -13.71 -22.23 8.49
C ARG A 168 -13.35 -22.56 7.04
N GLY A 169 -12.09 -22.95 6.82
CA GLY A 169 -11.57 -23.34 5.51
C GLY A 169 -11.46 -22.26 4.45
N ARG A 170 -11.40 -21.00 4.88
CA ARG A 170 -11.24 -19.87 3.96
C ARG A 170 -9.76 -19.50 3.81
N VAL A 171 -9.32 -19.36 2.57
CA VAL A 171 -7.96 -18.91 2.25
C VAL A 171 -7.76 -17.46 2.64
N LYS A 172 -6.61 -17.13 3.22
CA LYS A 172 -6.21 -15.75 3.47
C LYS A 172 -4.79 -15.56 2.93
N ILE A 173 -4.64 -14.73 1.90
CA ILE A 173 -3.31 -14.36 1.40
C ILE A 173 -2.64 -13.39 2.40
N ALA A 174 -1.39 -13.68 2.75
CA ALA A 174 -0.63 -12.88 3.73
C ALA A 174 0.81 -12.63 3.27
N ASP A 175 1.54 -11.85 4.06
CA ASP A 175 2.97 -11.59 3.88
C ASP A 175 3.32 -11.09 2.48
N MET A 176 2.47 -10.18 1.98
CA MET A 176 2.75 -9.42 0.77
C MET A 176 4.10 -8.69 0.93
N GLY A 177 4.92 -8.72 -0.11
CA GLY A 177 6.15 -7.90 -0.17
C GLY A 177 5.77 -6.46 -0.50
N PHE A 178 5.29 -5.74 0.50
CA PHE A 178 4.75 -4.39 0.31
C PHE A 178 5.79 -3.33 -0.04
N ALA A 179 7.05 -3.53 0.38
CA ALA A 179 8.15 -2.62 0.04
C ALA A 179 9.24 -3.31 -0.79
N ARG A 180 9.43 -2.85 -2.04
CA ARG A 180 10.58 -3.20 -2.88
C ARG A 180 11.09 -1.94 -3.56
N LEU A 181 12.35 -1.59 -3.33
CA LEU A 181 12.94 -0.36 -3.85
C LEU A 181 12.81 -0.31 -5.38
N PHE A 182 12.17 0.74 -5.89
CA PHE A 182 11.90 0.94 -7.33
C PHE A 182 11.11 -0.20 -7.99
N ASN A 183 10.33 -0.93 -7.18
CA ASN A 183 9.62 -2.13 -7.63
C ASN A 183 10.56 -3.17 -8.28
N SER A 184 11.79 -3.28 -7.74
CA SER A 184 12.86 -4.07 -8.37
C SER A 184 13.20 -5.33 -7.57
N PRO A 185 13.24 -6.51 -8.24
CA PRO A 185 13.78 -7.72 -7.59
C PRO A 185 15.31 -7.70 -7.39
N LEU A 186 16.01 -6.80 -8.09
CA LEU A 186 17.47 -6.71 -8.09
C LEU A 186 18.04 -6.02 -6.83
N LYS A 187 17.19 -5.36 -6.04
CA LYS A 187 17.62 -4.65 -4.83
C LYS A 187 17.55 -5.58 -3.62
N PRO A 188 18.47 -5.40 -2.63
CA PRO A 188 18.39 -6.18 -1.38
C PRO A 188 17.15 -5.88 -0.54
N THR A 198 14.42 -20.15 -0.67
CA THR A 198 13.78 -20.80 -1.80
C THR A 198 13.73 -19.89 -3.05
N PHE A 199 14.12 -20.43 -4.20
CA PHE A 199 13.84 -19.82 -5.51
C PHE A 199 12.83 -20.64 -6.32
N TRP A 200 12.13 -21.58 -5.66
CA TRP A 200 11.28 -22.57 -6.35
C TRP A 200 10.03 -21.98 -7.01
N TYR A 201 9.58 -20.82 -6.52
CA TYR A 201 8.35 -20.15 -7.00
C TYR A 201 8.65 -18.93 -7.89
N ARG A 202 9.91 -18.76 -8.29
CA ARG A 202 10.33 -17.60 -9.06
C ARG A 202 10.18 -17.82 -10.57
N ALA A 203 9.49 -16.91 -11.23
CA ALA A 203 9.27 -16.96 -12.69
C ALA A 203 10.60 -16.86 -13.47
N PRO A 204 10.68 -17.50 -14.65
CA PRO A 204 11.95 -17.56 -15.37
C PRO A 204 12.51 -16.19 -15.75
N GLU A 205 11.63 -15.22 -16.03
CA GLU A 205 12.07 -13.86 -16.31
C GLU A 205 12.81 -13.19 -15.14
N LEU A 206 12.45 -13.53 -13.89
CA LEU A 206 13.21 -13.06 -12.70
C LEU A 206 14.62 -13.62 -12.71
N LEU A 207 14.72 -14.92 -12.99
CA LEU A 207 16.00 -15.63 -13.04
C LEU A 207 16.87 -15.17 -14.21
N LEU A 208 16.27 -14.56 -15.24
CA LEU A 208 17.02 -13.99 -16.35
C LEU A 208 17.22 -12.47 -16.24
N GLY A 209 16.97 -11.92 -15.05
CA GLY A 209 17.31 -10.53 -14.73
C GLY A 209 16.21 -9.51 -14.95
N ALA A 210 14.93 -9.91 -14.91
CA ALA A 210 13.83 -8.95 -15.02
C ALA A 210 14.01 -7.87 -13.95
N ARG A 211 13.87 -6.62 -14.38
CA ARG A 211 14.17 -5.44 -13.54
C ARG A 211 13.01 -5.00 -12.65
N HIS A 212 11.79 -5.47 -12.95
CA HIS A 212 10.60 -5.08 -12.18
C HIS A 212 9.67 -6.26 -11.91
N TYR A 213 9.01 -6.24 -10.76
CA TYR A 213 7.94 -7.18 -10.46
C TYR A 213 6.72 -6.83 -11.32
N THR A 214 5.95 -7.87 -11.67
CA THR A 214 4.78 -7.75 -12.53
C THR A 214 3.66 -8.65 -12.01
N LYS A 215 2.46 -8.44 -12.53
CA LYS A 215 1.31 -9.33 -12.25
C LYS A 215 1.63 -10.76 -12.69
N ALA A 216 2.22 -10.90 -13.88
CA ALA A 216 2.60 -12.20 -14.42
C ALA A 216 3.51 -13.03 -13.49
N ILE A 217 4.43 -12.35 -12.78
CA ILE A 217 5.33 -13.03 -11.84
C ILE A 217 4.53 -13.69 -10.70
N ASP A 218 3.48 -13.01 -10.21
CA ASP A 218 2.57 -13.61 -9.22
C ASP A 218 1.84 -14.83 -9.75
N ILE A 219 1.38 -14.77 -11.01
CA ILE A 219 0.64 -15.87 -11.62
C ILE A 219 1.48 -17.13 -11.78
N TRP A 220 2.74 -16.98 -12.20
CA TRP A 220 3.67 -18.14 -12.26
C TRP A 220 3.73 -18.86 -10.93
N ALA A 221 3.93 -18.09 -9.87
CA ALA A 221 3.98 -18.63 -8.51
C ALA A 221 2.71 -19.38 -8.12
N ILE A 222 1.55 -18.86 -8.53
CA ILE A 222 0.28 -19.58 -8.31
C ILE A 222 0.25 -20.91 -9.07
N GLY A 223 0.75 -20.89 -10.31
CA GLY A 223 0.97 -22.11 -11.08
C GLY A 223 1.78 -23.17 -10.33
N CYS A 224 2.90 -22.74 -9.72
CA CYS A 224 3.77 -23.62 -8.94
C CYS A 224 3.07 -24.22 -7.73
N ILE A 225 2.28 -23.39 -7.05
CA ILE A 225 1.51 -23.82 -5.89
C ILE A 225 0.44 -24.84 -6.30
N PHE A 226 -0.27 -24.55 -7.38
CA PHE A 226 -1.26 -25.47 -7.93
C PHE A 226 -0.66 -26.84 -8.30
N ALA A 227 0.52 -26.86 -8.92
CA ALA A 227 1.20 -28.13 -9.21
C ALA A 227 1.57 -28.88 -7.93
N GLU A 228 2.09 -28.15 -6.95
CA GLU A 228 2.45 -28.72 -5.65
C GLU A 228 1.24 -29.30 -4.89
N LEU A 229 0.08 -28.66 -4.98
CA LEU A 229 -1.17 -29.20 -4.40
C LEU A 229 -1.66 -30.49 -5.08
N LEU A 230 -1.47 -30.60 -6.39
CA LEU A 230 -1.82 -31.81 -7.16
C LEU A 230 -0.91 -33.00 -6.87
N THR A 231 0.39 -32.74 -6.72
CA THR A 231 1.42 -33.80 -6.55
C THR A 231 1.98 -33.97 -5.12
N SER A 232 1.87 -32.92 -4.29
CA SER A 232 2.51 -32.83 -2.94
C SER A 232 4.02 -32.60 -2.97
N GLU A 233 4.56 -32.21 -4.13
CA GLU A 233 6.00 -31.96 -4.31
C GLU A 233 6.19 -30.62 -5.01
N PRO A 234 7.19 -29.81 -4.59
CA PRO A 234 7.44 -28.58 -5.34
C PRO A 234 7.93 -28.91 -6.76
N ILE A 235 7.26 -28.35 -7.76
CA ILE A 235 7.51 -28.73 -9.16
C ILE A 235 8.91 -28.31 -9.64
N PHE A 236 9.39 -27.17 -9.15
CA PHE A 236 10.72 -26.67 -9.46
C PHE A 236 11.66 -26.71 -8.26
N HIS A 237 11.58 -27.83 -7.54
CA HIS A 237 12.47 -28.13 -6.42
C HIS A 237 13.93 -28.20 -6.88
N CYS A 238 14.81 -27.59 -6.08
CA CYS A 238 16.21 -27.38 -6.43
C CYS A 238 17.03 -27.19 -5.15
N ARG A 239 18.34 -27.48 -5.21
CA ARG A 239 19.25 -27.28 -4.06
C ARG A 239 19.42 -25.81 -3.66
N THR A 245 24.51 -14.61 -3.41
CA THR A 245 24.84 -13.38 -4.13
C THR A 245 23.59 -12.56 -4.50
N SER A 246 23.81 -11.27 -4.78
CA SER A 246 22.75 -10.37 -5.25
C SER A 246 22.30 -10.65 -6.71
N ASN A 247 23.20 -11.28 -7.49
CA ASN A 247 22.93 -11.75 -8.86
C ASN A 247 21.60 -12.52 -9.03
N PRO A 248 20.71 -12.08 -9.94
CA PRO A 248 19.43 -12.78 -10.14
C PRO A 248 19.53 -14.14 -10.87
N TYR A 249 20.59 -14.34 -11.67
CA TYR A 249 20.79 -15.57 -12.42
C TYR A 249 21.16 -16.76 -11.51
N HIS A 250 20.31 -17.79 -11.51
N HIS A 250 20.33 -17.80 -11.54
CA HIS A 250 20.52 -19.02 -10.75
CA HIS A 250 20.56 -19.01 -10.74
C HIS A 250 20.50 -20.19 -11.73
C HIS A 250 20.50 -20.23 -11.66
N HIS A 251 21.68 -20.75 -12.01
CA HIS A 251 21.83 -21.81 -13.03
C HIS A 251 21.01 -23.07 -12.78
N ASP A 252 21.13 -23.64 -11.58
CA ASP A 252 20.46 -24.89 -11.24
C ASP A 252 18.94 -24.78 -11.17
N GLN A 253 18.44 -23.60 -10.80
CA GLN A 253 17.00 -23.34 -10.79
C GLN A 253 16.44 -23.27 -12.22
N LEU A 254 17.19 -22.67 -13.14
CA LEU A 254 16.83 -22.68 -14.57
C LEU A 254 16.91 -24.09 -15.17
N ASP A 255 17.94 -24.84 -14.81
CA ASP A 255 18.08 -26.25 -15.20
C ASP A 255 16.86 -27.09 -14.77
N ARG A 256 16.37 -26.86 -13.55
CA ARG A 256 15.19 -27.57 -13.04
C ARG A 256 13.91 -27.20 -13.79
N ILE A 257 13.75 -25.92 -14.14
CA ILE A 257 12.58 -25.47 -14.91
C ILE A 257 12.57 -26.14 -16.30
N PHE A 258 13.72 -26.20 -16.97
CA PHE A 258 13.82 -26.84 -18.30
C PHE A 258 13.69 -28.37 -18.25
N ASN A 259 14.21 -29.00 -17.19
CA ASN A 259 14.03 -30.45 -16.97
C ASN A 259 12.55 -30.84 -16.88
N VAL A 260 11.75 -29.97 -16.30
CA VAL A 260 10.29 -30.15 -16.18
C VAL A 260 9.55 -29.66 -17.44
N MET A 261 9.78 -28.41 -17.82
CA MET A 261 8.99 -27.75 -18.89
C MET A 261 9.50 -27.98 -20.32
N GLY A 262 10.77 -28.35 -20.47
CA GLY A 262 11.45 -28.30 -21.76
C GLY A 262 12.06 -26.91 -21.94
N PHE A 263 12.91 -26.79 -22.95
CA PHE A 263 13.61 -25.54 -23.25
C PHE A 263 12.76 -24.75 -24.23
N PRO A 264 12.51 -23.44 -23.96
CA PRO A 264 11.58 -22.70 -24.81
C PRO A 264 12.07 -22.48 -26.23
N ALA A 265 11.20 -22.73 -27.21
CA ALA A 265 11.49 -22.43 -28.62
C ALA A 265 11.46 -20.92 -28.83
N ASP A 266 12.08 -20.45 -29.91
CA ASP A 266 12.04 -19.03 -30.27
C ASP A 266 10.60 -18.51 -30.33
N LYS A 267 9.71 -19.30 -30.94
CA LYS A 267 8.29 -18.96 -31.08
C LYS A 267 7.53 -18.89 -29.75
N ASP A 268 7.97 -19.64 -28.74
CA ASP A 268 7.34 -19.66 -27.41
C ASP A 268 7.59 -18.40 -26.57
N TRP A 269 8.74 -17.76 -26.78
CA TRP A 269 9.15 -16.60 -25.98
C TRP A 269 10.09 -15.73 -26.82
N GLU A 270 9.49 -14.95 -27.72
CA GLU A 270 10.23 -14.08 -28.66
C GLU A 270 11.07 -13.01 -27.98
N ASP A 271 10.50 -12.39 -26.94
CA ASP A 271 11.20 -11.35 -26.16
C ASP A 271 12.25 -11.88 -25.17
N ILE A 272 12.56 -13.18 -25.16
CA ILE A 272 13.63 -13.71 -24.30
C ILE A 272 14.97 -13.01 -24.58
N LYS A 273 15.19 -12.63 -25.85
CA LYS A 273 16.40 -11.91 -26.28
C LYS A 273 16.61 -10.56 -25.58
N LYS A 274 15.53 -9.93 -25.16
CA LYS A 274 15.59 -8.67 -24.38
C LYS A 274 15.98 -8.84 -22.91
N MET A 275 15.99 -10.08 -22.40
CA MET A 275 16.30 -10.33 -20.99
C MET A 275 17.81 -10.12 -20.75
N PRO A 276 18.21 -9.37 -19.69
CA PRO A 276 19.64 -9.07 -19.48
C PRO A 276 20.57 -10.29 -19.41
N GLU A 277 20.07 -11.42 -18.91
CA GLU A 277 20.87 -12.66 -18.81
C GLU A 277 20.65 -13.66 -19.94
N HIS A 278 20.06 -13.23 -21.06
CA HIS A 278 19.83 -14.13 -22.20
C HIS A 278 21.14 -14.70 -22.76
N SER A 279 22.17 -13.86 -22.90
CA SER A 279 23.47 -14.33 -23.41
C SER A 279 24.17 -15.33 -22.48
N THR A 280 23.98 -15.15 -21.17
CA THR A 280 24.46 -16.10 -20.17
C THR A 280 23.75 -17.45 -20.29
N LEU A 281 22.43 -17.41 -20.45
CA LEU A 281 21.59 -18.61 -20.73
C LEU A 281 22.12 -19.40 -21.93
N MET A 282 22.36 -18.69 -23.03
CA MET A 282 22.88 -19.29 -24.27
C MET A 282 24.26 -19.92 -24.09
N LYS A 283 25.12 -19.26 -23.31
CA LYS A 283 26.44 -19.80 -22.97
C LYS A 283 26.33 -21.11 -22.18
N ASP A 284 25.41 -21.15 -21.22
CA ASP A 284 25.30 -22.28 -20.29
C ASP A 284 24.42 -23.44 -20.80
N PHE A 285 23.41 -23.16 -21.62
CA PHE A 285 22.37 -24.14 -21.93
C PHE A 285 22.23 -24.47 -23.42
N ARG A 286 22.05 -25.76 -23.72
CA ARG A 286 21.75 -26.26 -25.07
C ARG A 286 20.35 -26.87 -25.09
N ARG A 287 19.56 -26.49 -26.11
CA ARG A 287 18.23 -27.07 -26.39
C ARG A 287 18.19 -28.60 -26.32
N ASN A 288 19.16 -29.25 -26.98
CA ASN A 288 19.28 -30.72 -27.04
C ASN A 288 19.17 -31.43 -25.69
N THR A 289 19.73 -30.81 -24.65
CA THR A 289 19.70 -31.36 -23.28
C THR A 289 18.27 -31.68 -22.76
N TYR A 290 17.26 -30.94 -23.22
CA TYR A 290 15.88 -31.06 -22.70
C TYR A 290 14.87 -31.56 -23.74
N THR A 291 15.35 -32.25 -24.77
CA THR A 291 14.53 -32.60 -25.95
C THR A 291 13.32 -33.52 -25.65
N ASN A 292 13.47 -34.41 -24.67
CA ASN A 292 12.37 -35.29 -24.24
C ASN A 292 11.63 -34.79 -22.97
N CYS A 293 11.78 -33.51 -22.63
CA CYS A 293 11.17 -32.93 -21.42
C CYS A 293 9.92 -32.10 -21.74
N SER A 294 8.87 -32.24 -20.92
CA SER A 294 7.64 -31.44 -21.04
C SER A 294 6.78 -31.53 -19.77
N LEU A 295 5.95 -30.52 -19.55
CA LEU A 295 4.99 -30.54 -18.44
C LEU A 295 4.01 -31.72 -18.53
N ILE A 296 3.62 -32.10 -19.75
CA ILE A 296 2.81 -33.30 -19.97
C ILE A 296 3.48 -34.53 -19.36
N LYS A 297 4.74 -34.76 -19.71
CA LYS A 297 5.48 -35.93 -19.22
C LYS A 297 5.70 -35.86 -17.70
N TYR A 298 6.06 -34.67 -17.19
CA TYR A 298 6.22 -34.50 -15.73
C TYR A 298 4.94 -34.87 -14.97
N MET A 299 3.83 -34.23 -15.32
CA MET A 299 2.56 -34.46 -14.63
C MET A 299 2.00 -35.89 -14.78
N GLU A 300 2.26 -36.55 -15.91
CA GLU A 300 1.91 -37.97 -16.10
C GLU A 300 2.60 -38.92 -15.12
N LYS A 301 3.87 -38.63 -14.80
CA LYS A 301 4.62 -39.39 -13.78
C LYS A 301 4.02 -39.26 -12.38
N HIS A 302 3.36 -38.13 -12.11
CA HIS A 302 2.68 -37.89 -10.82
C HIS A 302 1.16 -38.12 -10.88
N LYS A 303 0.71 -38.92 -11.85
CA LYS A 303 -0.67 -39.39 -11.96
C LYS A 303 -1.73 -38.30 -12.16
N VAL A 304 -1.34 -37.24 -12.87
CA VAL A 304 -2.25 -36.18 -13.33
C VAL A 304 -2.47 -36.37 -14.83
N LYS A 305 -3.74 -36.40 -15.25
CA LYS A 305 -4.10 -36.67 -16.64
C LYS A 305 -3.87 -35.43 -17.51
N PRO A 306 -3.13 -35.55 -18.63
CA PRO A 306 -2.90 -34.43 -19.55
C PRO A 306 -4.15 -33.87 -20.24
N ASP A 307 -5.18 -34.69 -20.41
CA ASP A 307 -6.46 -34.24 -21.00
C ASP A 307 -7.49 -33.75 -19.95
N SER A 308 -7.08 -33.63 -18.69
CA SER A 308 -7.94 -33.06 -17.66
C SER A 308 -7.95 -31.53 -17.75
N LYS A 309 -9.09 -30.93 -17.42
CA LYS A 309 -9.22 -29.47 -17.36
C LYS A 309 -8.23 -28.88 -16.35
N ALA A 310 -7.94 -29.63 -15.28
CA ALA A 310 -6.90 -29.22 -14.30
C ALA A 310 -5.55 -29.01 -14.95
N PHE A 311 -5.12 -29.97 -15.77
CA PHE A 311 -3.83 -29.84 -16.46
C PHE A 311 -3.78 -28.66 -17.42
N HIS A 312 -4.81 -28.53 -18.25
CA HIS A 312 -4.87 -27.45 -19.23
C HIS A 312 -4.83 -26.05 -18.59
N LEU A 313 -5.46 -25.90 -17.42
CA LEU A 313 -5.36 -24.63 -16.68
C LEU A 313 -3.93 -24.43 -16.15
N LEU A 314 -3.37 -25.49 -15.54
CA LEU A 314 -2.00 -25.46 -15.02
C LEU A 314 -0.99 -25.04 -16.10
N GLN A 315 -1.13 -25.59 -17.30
CA GLN A 315 -0.24 -25.25 -18.41
C GLN A 315 -0.38 -23.77 -18.85
N LYS A 316 -1.56 -23.20 -18.69
CA LYS A 316 -1.78 -21.77 -18.96
C LYS A 316 -1.16 -20.86 -17.89
N LEU A 317 -1.08 -21.33 -16.65
CA LEU A 317 -0.47 -20.58 -15.55
C LEU A 317 1.07 -20.64 -15.62
N LEU A 318 1.61 -21.82 -15.94
CA LEU A 318 3.05 -22.03 -16.09
C LEU A 318 3.49 -21.87 -17.55
N THR A 319 3.18 -20.73 -18.14
CA THR A 319 3.65 -20.37 -19.47
C THR A 319 4.97 -19.61 -19.29
N MET A 320 5.97 -19.96 -20.10
CA MET A 320 7.32 -19.43 -19.89
C MET A 320 7.36 -17.93 -20.19
N ASP A 321 6.78 -17.54 -21.33
CA ASP A 321 6.69 -16.13 -21.70
C ASP A 321 5.66 -15.41 -20.83
N PRO A 322 6.08 -14.43 -19.99
CA PRO A 322 5.09 -13.75 -19.15
C PRO A 322 3.94 -13.02 -19.88
N ILE A 323 4.19 -12.50 -21.08
CA ILE A 323 3.11 -11.86 -21.84
C ILE A 323 2.09 -12.87 -22.40
N LYS A 324 2.45 -14.17 -22.43
CA LYS A 324 1.56 -15.26 -22.81
C LYS A 324 0.93 -15.97 -21.61
N ARG A 325 1.25 -15.51 -20.42
CA ARG A 325 0.70 -16.07 -19.20
C ARG A 325 -0.73 -15.56 -18.99
N ILE A 326 -1.60 -16.47 -18.54
CA ILE A 326 -3.00 -16.15 -18.24
C ILE A 326 -3.09 -15.17 -17.05
N THR A 327 -4.10 -14.30 -17.06
CA THR A 327 -4.37 -13.38 -15.96
C THR A 327 -5.19 -14.09 -14.89
N SER A 328 -5.22 -13.52 -13.68
CA SER A 328 -5.99 -14.08 -12.58
C SER A 328 -7.49 -14.16 -12.92
N GLU A 329 -8.04 -13.11 -13.55
CA GLU A 329 -9.45 -13.10 -13.91
C GLU A 329 -9.79 -14.17 -14.96
N GLN A 330 -8.93 -14.34 -15.95
CA GLN A 330 -9.09 -15.38 -16.98
C GLN A 330 -9.04 -16.79 -16.37
N ALA A 331 -8.06 -17.02 -15.49
CA ALA A 331 -7.96 -18.28 -14.75
C ALA A 331 -9.25 -18.57 -13.94
N MET A 332 -9.80 -17.55 -13.27
CA MET A 332 -11.08 -17.73 -12.53
C MET A 332 -12.27 -18.13 -13.42
N GLN A 333 -12.22 -17.75 -14.70
CA GLN A 333 -13.26 -18.06 -15.69
C GLN A 333 -13.08 -19.42 -16.37
N ASP A 334 -12.01 -20.13 -16.04
CA ASP A 334 -11.69 -21.39 -16.71
C ASP A 334 -12.81 -22.40 -16.46
N PRO A 335 -13.20 -23.20 -17.48
CA PRO A 335 -14.24 -24.22 -17.30
C PRO A 335 -13.93 -25.30 -16.22
N TYR A 336 -12.66 -25.44 -15.81
CA TYR A 336 -12.26 -26.24 -14.64
C TYR A 336 -13.10 -25.99 -13.40
N PHE A 337 -13.46 -24.72 -13.17
CA PHE A 337 -14.24 -24.35 -12.00
C PHE A 337 -15.75 -24.53 -12.18
N LEU A 338 -16.19 -24.85 -13.40
CA LEU A 338 -17.57 -25.23 -13.71
C LEU A 338 -17.79 -26.76 -13.69
N GLU A 339 -16.70 -27.51 -13.76
CA GLU A 339 -16.70 -28.99 -13.77
C GLU A 339 -16.85 -29.52 -12.35
N ASP A 340 -17.58 -30.62 -12.18
CA ASP A 340 -17.72 -31.29 -10.87
C ASP A 340 -16.34 -31.79 -10.36
N PRO A 341 -16.01 -31.53 -9.08
CA PRO A 341 -16.73 -30.81 -8.01
C PRO A 341 -16.56 -29.29 -8.09
N LEU A 342 -17.61 -28.54 -7.76
CA LEU A 342 -17.52 -27.08 -7.72
C LEU A 342 -16.68 -26.59 -6.53
N PRO A 343 -15.99 -25.43 -6.68
CA PRO A 343 -15.29 -24.82 -5.53
C PRO A 343 -16.25 -24.51 -4.39
N THR A 344 -15.80 -24.68 -3.15
CA THR A 344 -16.61 -24.38 -1.97
C THR A 344 -15.92 -23.28 -1.14
N SER A 345 -16.73 -22.53 -0.40
CA SER A 345 -16.25 -21.45 0.46
C SER A 345 -15.37 -21.97 1.61
N ASP A 346 -15.76 -23.11 2.17
CA ASP A 346 -14.95 -23.87 3.12
C ASP A 346 -14.22 -24.92 2.28
N VAL A 347 -12.91 -24.74 2.10
CA VAL A 347 -12.09 -25.68 1.30
C VAL A 347 -12.07 -27.10 1.86
N PHE A 348 -12.26 -27.25 3.18
CA PHE A 348 -12.40 -28.57 3.82
C PHE A 348 -13.77 -29.24 3.58
N ALA A 349 -14.74 -28.47 3.05
CA ALA A 349 -16.05 -29.00 2.62
C ALA A 349 -16.91 -29.56 3.75
N GLY A 350 -16.76 -28.99 4.96
CA GLY A 350 -17.45 -29.49 6.16
C GLY A 350 -16.86 -30.76 6.79
N CYS A 351 -15.81 -31.33 6.18
CA CYS A 351 -15.14 -32.53 6.70
C CYS A 351 -14.26 -32.13 7.87
N GLN A 352 -14.01 -33.09 8.76
CA GLN A 352 -13.17 -32.88 9.95
C GLN A 352 -11.74 -32.56 9.53
N ILE A 353 -11.17 -31.51 10.10
CA ILE A 353 -9.80 -31.05 9.80
C ILE A 353 -8.79 -31.99 10.49
N PRO A 354 -8.03 -32.79 9.71
CA PRO A 354 -7.05 -33.70 10.34
C PRO A 354 -5.68 -33.07 10.62
N TYR A 355 -5.47 -31.82 10.22
CA TYR A 355 -4.13 -31.20 10.26
C TYR A 355 -3.81 -30.75 11.68
N PRO A 356 -2.54 -30.91 12.13
CA PRO A 356 -2.21 -30.44 13.48
C PRO A 356 -2.23 -28.92 13.61
N LYS A 357 -2.49 -28.43 14.83
CA LYS A 357 -2.32 -27.01 15.17
C LYS A 357 -0.83 -26.66 15.21
N ARG A 358 -0.51 -25.39 15.08
CA ARG A 358 0.89 -24.93 15.07
C ARG A 358 1.53 -25.02 16.45
N GLU A 359 2.81 -25.41 16.48
CA GLU A 359 3.58 -25.49 17.72
C GLU A 359 4.14 -24.13 18.08
N PHE A 360 4.23 -23.84 19.38
CA PHE A 360 4.74 -22.56 19.88
C PHE A 360 6.27 -22.59 19.99
N LEU A 361 6.89 -21.44 19.74
CA LEU A 361 8.36 -21.31 19.68
C LEU A 361 8.86 -20.35 20.76
N ASP B 2 2.70 6.21 -8.63
CA ASP B 2 2.26 5.03 -7.82
C ASP B 2 0.73 4.95 -7.83
N LYS B 3 0.21 3.91 -8.50
CA LYS B 3 -1.24 3.75 -8.73
C LYS B 3 -1.92 2.77 -7.77
N ALA B 4 -1.29 2.45 -6.64
CA ALA B 4 -1.85 1.56 -5.62
C ALA B 4 -3.21 2.06 -5.10
N MET B 5 -4.23 1.17 -5.16
CA MET B 5 -5.61 1.48 -4.78
C MET B 5 -6.34 2.52 -5.69
N ALA B 6 -5.82 2.75 -6.89
CA ALA B 6 -6.28 3.85 -7.78
C ALA B 6 -7.80 3.95 -8.00
N GLY B 7 -8.47 2.82 -8.20
CA GLY B 7 -9.93 2.80 -8.41
C GLY B 7 -10.77 2.48 -7.16
N ASN B 8 -10.21 2.68 -5.97
CA ASN B 8 -10.85 2.24 -4.73
C ASN B 8 -11.43 3.36 -3.86
N PHE B 9 -11.53 4.57 -4.40
CA PHE B 9 -11.90 5.74 -3.58
C PHE B 9 -13.18 5.53 -2.78
N TRP B 10 -14.20 4.94 -3.39
CA TRP B 10 -15.52 4.82 -2.75
C TRP B 10 -15.56 3.80 -1.60
N GLN B 11 -14.50 2.99 -1.45
CA GLN B 11 -14.33 2.13 -0.26
C GLN B 11 -13.06 2.47 0.54
N SER B 12 -12.49 3.65 0.29
CA SER B 12 -11.20 4.05 0.88
C SER B 12 -11.39 4.68 2.25
N SER B 13 -10.32 4.68 3.04
CA SER B 13 -10.32 5.39 4.33
C SER B 13 -10.41 6.91 4.12
N HIS B 14 -9.81 7.41 3.05
CA HIS B 14 -9.99 8.82 2.65
C HIS B 14 -11.46 9.19 2.61
N TYR B 15 -12.23 8.47 1.80
CA TYR B 15 -13.66 8.74 1.63
C TYR B 15 -14.49 8.48 2.90
N LEU B 16 -14.28 7.33 3.53
CA LEU B 16 -15.14 6.89 4.62
C LEU B 16 -14.82 7.55 5.99
N GLN B 17 -13.59 8.05 6.16
CA GLN B 17 -13.16 8.70 7.41
C GLN B 17 -12.69 10.15 7.31
N TRP B 18 -12.16 10.56 6.17
CA TRP B 18 -11.47 11.84 6.07
C TRP B 18 -12.06 12.84 5.08
N ILE B 19 -13.33 12.65 4.71
CA ILE B 19 -14.15 13.70 4.09
C ILE B 19 -15.05 14.19 5.25
N LEU B 20 -14.76 15.40 5.71
CA LEU B 20 -15.32 15.92 6.95
C LEU B 20 -16.55 16.79 6.69
N ASP B 21 -17.39 16.92 7.70
CA ASP B 21 -18.50 17.86 7.68
C ASP B 21 -17.96 19.27 8.00
N LYS B 22 -18.33 20.25 7.19
CA LYS B 22 -17.85 21.64 7.32
C LYS B 22 -18.17 22.27 8.68
N GLN B 23 -19.32 21.95 9.27
CA GLN B 23 -19.70 22.50 10.58
C GLN B 23 -18.93 21.84 11.73
N ASP B 24 -18.64 20.53 11.62
CA ASP B 24 -17.76 19.83 12.58
C ASP B 24 -16.35 20.45 12.56
N LEU B 25 -15.85 20.72 11.37
CA LEU B 25 -14.54 21.35 11.16
C LEU B 25 -14.48 22.76 11.80
N LEU B 26 -15.49 23.59 11.55
CA LEU B 26 -15.57 24.94 12.14
C LEU B 26 -15.75 24.92 13.66
N LYS B 27 -16.51 23.96 14.17
CA LYS B 27 -16.67 23.77 15.62
C LYS B 27 -15.33 23.51 16.35
N GLU B 28 -14.54 22.58 15.83
CA GLU B 28 -13.21 22.27 16.39
C GLU B 28 -12.20 23.41 16.26
N ARG B 29 -12.40 24.28 15.26
CA ARG B 29 -11.52 25.41 15.00
C ARG B 29 -11.69 26.57 15.98
N GLN B 30 -12.85 26.65 16.65
CA GLN B 30 -13.14 27.75 17.59
C GLN B 30 -12.14 27.90 18.73
N LYS B 31 -11.55 26.78 19.18
CA LYS B 31 -10.55 26.82 20.25
C LYS B 31 -9.31 27.66 19.89
N ASP B 32 -8.88 27.58 18.63
CA ASP B 32 -7.80 28.44 18.11
C ASP B 32 -8.27 29.84 17.69
N LEU B 33 -9.56 30.00 17.37
CA LEU B 33 -10.13 31.33 17.07
C LEU B 33 -10.29 32.26 18.28
N LYS B 34 -10.03 31.75 19.48
CA LYS B 34 -9.86 32.58 20.68
C LYS B 34 -8.55 33.37 20.66
N PHE B 35 -7.57 32.89 19.88
CA PHE B 35 -6.24 33.52 19.76
C PHE B 35 -6.04 34.29 18.45
N LEU B 36 -6.64 33.78 17.37
CA LEU B 36 -6.45 34.28 16.01
C LEU B 36 -7.81 34.58 15.41
N SER B 37 -7.91 35.63 14.60
CA SER B 37 -9.08 35.86 13.78
C SER B 37 -9.21 34.77 12.70
N GLU B 38 -10.37 34.69 12.08
CA GLU B 38 -10.63 33.73 10.99
C GLU B 38 -9.67 33.94 9.81
N GLU B 39 -9.47 35.20 9.44
CA GLU B 39 -8.54 35.58 8.38
C GLU B 39 -7.09 35.19 8.71
N GLU B 40 -6.66 35.46 9.95
CA GLU B 40 -5.33 35.06 10.43
C GLU B 40 -5.09 33.54 10.43
N TYR B 41 -6.11 32.78 10.78
CA TYR B 41 -6.03 31.31 10.74
C TYR B 41 -5.88 30.80 9.29
N TRP B 42 -6.61 31.38 8.36
CA TRP B 42 -6.46 31.05 6.93
C TRP B 42 -5.08 31.47 6.39
N LYS B 43 -4.61 32.65 6.79
CA LYS B 43 -3.27 33.09 6.43
C LYS B 43 -2.19 32.13 6.96
N LEU B 44 -2.33 31.65 8.20
CA LEU B 44 -1.43 30.61 8.73
C LEU B 44 -1.44 29.32 7.91
N GLN B 45 -2.63 28.83 7.55
CA GLN B 45 -2.71 27.57 6.79
C GLN B 45 -2.11 27.69 5.38
N ILE B 46 -2.29 28.87 4.76
CA ILE B 46 -1.62 29.21 3.50
C ILE B 46 -0.10 29.16 3.66
N PHE B 47 0.40 29.83 4.69
CA PHE B 47 1.84 29.89 4.96
C PHE B 47 2.46 28.50 5.09
N PHE B 48 1.85 27.65 5.90
CA PHE B 48 2.37 26.29 6.09
C PHE B 48 2.22 25.39 4.86
N THR B 49 1.22 25.64 4.01
CA THR B 49 1.14 24.98 2.69
C THR B 49 2.38 25.33 1.84
N ASN B 50 2.79 26.59 1.88
CA ASN B 50 3.98 27.06 1.18
C ASN B 50 5.29 26.50 1.75
N VAL B 51 5.35 26.36 3.08
CA VAL B 51 6.49 25.74 3.76
C VAL B 51 6.68 24.30 3.26
N ILE B 52 5.59 23.54 3.26
CA ILE B 52 5.61 22.13 2.87
C ILE B 52 5.99 21.96 1.39
N GLN B 53 5.47 22.85 0.54
CA GLN B 53 5.83 22.89 -0.88
C GLN B 53 7.33 23.12 -1.10
N ALA B 54 7.90 24.12 -0.41
CA ALA B 54 9.33 24.41 -0.52
C ALA B 54 10.19 23.26 0.00
N LEU B 55 9.79 22.64 1.12
CA LEU B 55 10.49 21.46 1.65
C LEU B 55 10.50 20.30 0.64
N GLY B 56 9.35 20.00 0.07
CA GLY B 56 9.20 18.96 -0.94
C GLY B 56 9.96 19.24 -2.23
N GLU B 57 10.01 20.50 -2.65
CA GLU B 57 10.77 20.91 -3.82
C GLU B 57 12.28 20.76 -3.59
N HIS B 58 12.75 21.17 -2.42
CA HIS B 58 14.17 21.04 -2.04
C HIS B 58 14.61 19.57 -2.04
N LEU B 59 13.75 18.69 -1.54
CA LEU B 59 13.99 17.25 -1.49
C LEU B 59 13.71 16.51 -2.81
N LYS B 60 13.21 17.23 -3.82
CA LYS B 60 12.97 16.70 -5.17
C LYS B 60 11.89 15.61 -5.22
N LEU B 61 10.86 15.77 -4.39
CA LEU B 61 9.73 14.83 -4.35
C LEU B 61 8.71 15.23 -5.41
N ARG B 62 7.96 14.26 -5.93
CA ARG B 62 6.92 14.58 -6.91
C ARG B 62 5.71 15.23 -6.23
N GLN B 63 4.91 15.92 -7.03
CA GLN B 63 3.85 16.78 -6.49
C GLN B 63 2.81 16.01 -5.66
N GLN B 64 2.48 14.79 -6.09
CA GLN B 64 1.58 13.90 -5.34
C GLN B 64 2.05 13.62 -3.90
N VAL B 65 3.35 13.44 -3.70
CA VAL B 65 3.92 13.21 -2.37
C VAL B 65 3.81 14.48 -1.52
N ILE B 66 4.10 15.62 -2.13
CA ILE B 66 3.98 16.92 -1.46
C ILE B 66 2.50 17.15 -1.07
N ALA B 67 1.58 16.80 -1.96
CA ALA B 67 0.15 16.93 -1.70
C ALA B 67 -0.31 16.03 -0.53
N THR B 68 0.11 14.78 -0.53
CA THR B 68 -0.14 13.87 0.58
C THR B 68 0.34 14.46 1.92
N ALA B 69 1.59 14.95 1.96
CA ALA B 69 2.14 15.57 3.17
C ALA B 69 1.29 16.78 3.64
N THR B 70 0.82 17.57 2.68
CA THR B 70 -0.05 18.69 2.97
C THR B 70 -1.38 18.24 3.57
N VAL B 71 -1.96 17.16 3.05
CA VAL B 71 -3.21 16.60 3.58
C VAL B 71 -3.01 16.06 5.00
N TYR B 72 -1.89 15.39 5.27
CA TYR B 72 -1.59 14.92 6.63
C TYR B 72 -1.59 16.08 7.66
N PHE B 73 -0.95 17.19 7.26
CA PHE B 73 -0.84 18.39 8.11
C PHE B 73 -2.23 18.96 8.40
N LYS B 74 -3.03 19.14 7.36
CA LYS B 74 -4.40 19.65 7.53
C LYS B 74 -5.28 18.74 8.37
N ARG B 75 -5.17 17.43 8.16
CA ARG B 75 -5.88 16.45 8.99
C ARG B 75 -5.52 16.56 10.46
N PHE B 76 -4.23 16.75 10.75
CA PHE B 76 -3.79 16.87 12.14
C PHE B 76 -4.41 18.10 12.79
N TYR B 77 -4.30 19.25 12.15
CA TYR B 77 -4.81 20.49 12.70
C TYR B 77 -6.33 20.70 12.49
N ALA B 78 -6.98 19.84 11.69
CA ALA B 78 -8.44 19.78 11.60
C ALA B 78 -9.03 19.32 12.93
N ARG B 79 -8.32 18.43 13.62
CA ARG B 79 -8.76 17.92 14.91
C ARG B 79 -8.10 18.57 16.13
N TYR B 80 -6.83 18.99 16.03
CA TYR B 80 -6.12 19.55 17.20
C TYR B 80 -5.68 20.99 17.07
N SER B 81 -5.45 21.60 18.22
CA SER B 81 -4.97 22.98 18.30
C SER B 81 -3.55 23.10 17.75
N LEU B 82 -3.26 24.28 17.19
CA LEU B 82 -1.91 24.66 16.80
C LEU B 82 -0.91 24.56 17.96
N LYS B 83 -1.38 24.69 19.20
CA LYS B 83 -0.53 24.56 20.39
C LYS B 83 -0.12 23.11 20.74
N SER B 84 -0.77 22.11 20.17
CA SER B 84 -0.55 20.71 20.56
C SER B 84 0.86 20.23 20.21
N ILE B 85 1.26 20.48 18.95
CA ILE B 85 2.62 20.26 18.47
C ILE B 85 2.99 21.44 17.58
N ASP B 86 4.21 21.93 17.71
CA ASP B 86 4.71 23.06 16.92
C ASP B 86 4.53 22.73 15.41
N PRO B 87 3.79 23.59 14.66
CA PRO B 87 3.68 23.34 13.23
C PRO B 87 5.02 23.39 12.45
N VAL B 88 6.02 24.09 12.99
CA VAL B 88 7.40 24.09 12.44
C VAL B 88 7.99 22.68 12.46
N LEU B 89 7.69 21.92 13.51
CA LEU B 89 8.07 20.50 13.58
C LEU B 89 7.14 19.59 12.77
N MET B 90 5.84 19.86 12.78
CA MET B 90 4.88 19.00 12.08
C MET B 90 5.06 18.96 10.53
N ALA B 91 5.39 20.10 9.93
CA ALA B 91 5.53 20.20 8.47
C ALA B 91 6.56 19.22 7.88
N PRO B 92 7.83 19.27 8.32
CA PRO B 92 8.83 18.29 7.84
C PRO B 92 8.54 16.84 8.23
N THR B 93 7.89 16.63 9.37
CA THR B 93 7.43 15.29 9.75
C THR B 93 6.40 14.74 8.76
N CYS B 94 5.49 15.60 8.29
CA CYS B 94 4.48 15.18 7.31
C CYS B 94 5.12 14.81 5.96
N VAL B 95 6.08 15.62 5.51
CA VAL B 95 6.86 15.37 4.28
C VAL B 95 7.63 14.04 4.36
N PHE B 96 8.26 13.82 5.52
CA PHE B 96 8.99 12.59 5.80
C PHE B 96 8.10 11.34 5.71
N LEU B 97 6.97 11.36 6.42
CA LEU B 97 6.03 10.24 6.43
C LEU B 97 5.45 9.95 5.04
N ALA B 98 5.00 11.01 4.35
CA ALA B 98 4.51 10.89 2.97
C ALA B 98 5.57 10.27 2.03
N SER B 99 6.84 10.66 2.20
CA SER B 99 7.92 10.11 1.37
C SER B 99 8.11 8.60 1.57
N LYS B 100 7.87 8.13 2.79
CA LYS B 100 7.99 6.69 3.11
C LYS B 100 6.81 5.82 2.63
N VAL B 101 5.70 6.44 2.24
CA VAL B 101 4.58 5.72 1.60
C VAL B 101 4.93 5.31 0.15
N GLU B 102 5.89 6.00 -0.48
CA GLU B 102 6.42 5.66 -1.82
C GLU B 102 7.61 4.73 -1.69
N GLU B 103 7.84 3.88 -2.69
CA GLU B 103 8.99 2.96 -2.66
C GLU B 103 10.10 3.31 -3.65
N PHE B 104 9.97 4.40 -4.41
CA PHE B 104 11.00 4.80 -5.38
C PHE B 104 12.00 5.76 -4.72
N GLY B 105 12.99 5.17 -4.04
CA GLY B 105 13.95 5.93 -3.23
C GLY B 105 13.48 6.18 -1.81
N VAL B 106 14.34 6.83 -1.02
CA VAL B 106 14.11 7.12 0.39
C VAL B 106 14.75 8.45 0.80
N VAL B 107 14.09 9.20 1.68
CA VAL B 107 14.66 10.40 2.31
C VAL B 107 15.38 9.98 3.58
N SER B 108 16.71 10.18 3.61
CA SER B 108 17.49 9.86 4.81
C SER B 108 17.28 10.91 5.90
N ASN B 109 17.63 10.53 7.13
CA ASN B 109 17.50 11.37 8.32
C ASN B 109 18.25 12.70 8.17
N THR B 110 19.51 12.62 7.79
CA THR B 110 20.39 13.79 7.66
C THR B 110 19.91 14.73 6.54
N ARG B 111 19.39 14.16 5.46
CA ARG B 111 18.87 14.94 4.33
C ARG B 111 17.57 15.68 4.67
N LEU B 112 16.69 15.03 5.43
CA LEU B 112 15.46 15.68 5.94
C LEU B 112 15.77 16.90 6.80
N ILE B 113 16.66 16.72 7.77
CA ILE B 113 17.02 17.79 8.72
C ILE B 113 17.72 18.94 8.01
N ALA B 114 18.71 18.62 7.18
CA ALA B 114 19.39 19.65 6.36
C ALA B 114 18.42 20.43 5.46
N ALA B 115 17.43 19.73 4.90
CA ALA B 115 16.38 20.38 4.08
C ALA B 115 15.49 21.35 4.86
N ALA B 116 15.07 20.96 6.06
CA ALA B 116 14.27 21.83 6.93
C ALA B 116 15.07 23.07 7.34
N THR B 117 16.30 22.85 7.81
CA THR B 117 17.21 23.92 8.20
C THR B 117 17.46 24.91 7.05
N SER B 118 17.81 24.39 5.87
CA SER B 118 18.14 25.19 4.70
C SER B 118 16.93 25.96 4.13
N VAL B 119 15.80 25.29 3.99
CA VAL B 119 14.59 25.95 3.46
C VAL B 119 14.06 27.06 4.38
N LEU B 120 14.02 26.82 5.69
CA LEU B 120 13.57 27.86 6.61
C LEU B 120 14.47 29.11 6.61
N LYS B 121 15.78 28.92 6.52
CA LYS B 121 16.71 30.07 6.52
C LYS B 121 16.78 30.82 5.17
N THR B 122 16.85 30.07 4.07
CA THR B 122 17.01 30.69 2.74
C THR B 122 15.68 31.21 2.15
N ARG B 123 14.55 30.60 2.51
CA ARG B 123 13.25 30.98 1.94
C ARG B 123 12.20 31.52 2.93
N PHE B 124 12.37 31.32 4.24
CA PHE B 124 11.36 31.78 5.24
C PHE B 124 11.90 32.60 6.42
N SER B 125 13.02 33.30 6.20
CA SER B 125 13.63 34.12 7.27
C SER B 125 12.76 35.32 7.68
N TYR B 126 11.84 35.75 6.81
CA TYR B 126 10.85 36.78 7.17
C TYR B 126 9.92 36.35 8.31
N ALA B 127 9.61 35.05 8.35
CA ALA B 127 8.76 34.47 9.40
C ALA B 127 9.56 34.04 10.64
N PHE B 128 10.73 33.43 10.44
CA PHE B 128 11.53 32.81 11.52
C PHE B 128 12.90 33.48 11.71
N PRO B 129 13.16 34.08 12.89
CA PRO B 129 14.46 34.71 13.16
C PRO B 129 15.59 33.73 13.56
N LYS B 130 15.23 32.56 14.09
CA LYS B 130 16.20 31.56 14.58
C LYS B 130 16.22 30.32 13.70
N GLU B 131 17.34 29.60 13.72
CA GLU B 131 17.50 28.37 12.93
C GLU B 131 16.52 27.26 13.38
N PHE B 132 16.23 26.34 12.48
CA PHE B 132 15.44 25.13 12.79
C PHE B 132 16.06 24.39 14.00
N PRO B 133 15.37 24.40 15.16
CA PRO B 133 15.95 23.87 16.41
C PRO B 133 15.78 22.37 16.66
N TYR B 134 14.93 21.70 15.88
CA TYR B 134 14.61 20.29 16.13
C TYR B 134 15.64 19.36 15.48
N ARG B 135 15.94 18.28 16.18
CA ARG B 135 16.80 17.21 15.71
C ARG B 135 15.93 16.04 15.31
N MET B 136 16.56 14.99 14.78
CA MET B 136 15.83 13.86 14.21
C MET B 136 14.98 13.11 15.24
N ASN B 137 15.40 13.06 16.52
CA ASN B 137 14.60 12.41 17.56
C ASN B 137 13.22 13.07 17.76
N HIS B 138 13.15 14.38 17.54
CA HIS B 138 11.86 15.11 17.58
C HIS B 138 10.96 14.77 16.40
N ILE B 139 11.54 14.60 15.21
CA ILE B 139 10.80 14.18 14.01
C ILE B 139 10.22 12.77 14.24
N LEU B 140 11.05 11.87 14.73
CA LEU B 140 10.63 10.49 15.00
C LEU B 140 9.52 10.40 16.06
N GLU B 141 9.61 11.23 17.11
CA GLU B 141 8.54 11.32 18.12
C GLU B 141 7.24 11.87 17.53
N CYS B 142 7.35 12.94 16.73
CA CYS B 142 6.18 13.58 16.11
C CYS B 142 5.46 12.68 15.07
N GLU B 143 6.25 11.86 14.37
CA GLU B 143 5.74 10.90 13.40
C GLU B 143 4.79 9.87 14.04
N PHE B 144 5.16 9.39 15.24
CA PHE B 144 4.30 8.48 16.01
C PHE B 144 2.94 9.09 16.37
N TYR B 145 2.95 10.35 16.82
CA TYR B 145 1.70 11.09 17.11
C TYR B 145 0.87 11.33 15.86
N LEU B 146 1.54 11.61 14.74
CA LEU B 146 0.84 11.89 13.48
C LEU B 146 0.15 10.63 12.97
N LEU B 147 0.90 9.53 12.93
CA LEU B 147 0.35 8.25 12.49
C LEU B 147 -0.86 7.83 13.35
N GLU B 148 -0.77 8.06 14.66
CA GLU B 148 -1.85 7.77 15.60
C GLU B 148 -3.10 8.62 15.38
N LEU B 149 -2.93 9.95 15.25
CA LEU B 149 -4.09 10.82 15.04
C LEU B 149 -4.80 10.48 13.74
N MET B 150 -4.04 10.17 12.71
CA MET B 150 -4.61 9.86 11.40
C MET B 150 -5.19 8.45 11.33
N ASP B 151 -5.19 7.73 12.46
CA ASP B 151 -5.75 6.37 12.53
C ASP B 151 -5.06 5.46 11.50
N CYS B 152 -3.77 5.71 11.28
CA CYS B 152 -2.95 5.03 10.26
C CYS B 152 -3.50 5.10 8.82
N CYS B 153 -4.24 6.16 8.51
CA CYS B 153 -4.78 6.37 7.17
C CYS B 153 -3.73 7.14 6.35
N LEU B 154 -3.02 6.43 5.49
CA LEU B 154 -1.84 6.97 4.79
C LEU B 154 -2.04 7.20 3.27
N ILE B 155 -2.85 6.36 2.62
CA ILE B 155 -3.16 6.52 1.21
C ILE B 155 -4.17 7.66 1.05
N VAL B 156 -3.78 8.69 0.30
CA VAL B 156 -4.58 9.88 0.06
C VAL B 156 -4.75 10.05 -1.45
N TYR B 157 -5.97 10.41 -1.88
CA TYR B 157 -6.33 10.63 -3.29
C TYR B 157 -6.30 12.13 -3.57
N HIS B 158 -5.89 12.53 -4.77
CA HIS B 158 -5.69 13.94 -5.11
C HIS B 158 -6.34 14.24 -6.48
N PRO B 159 -6.54 15.54 -6.80
CA PRO B 159 -7.21 15.88 -8.07
C PRO B 159 -6.39 15.75 -9.36
N TYR B 160 -5.09 15.47 -9.25
CA TYR B 160 -4.19 15.49 -10.42
C TYR B 160 -4.53 14.40 -11.41
N ARG B 161 -4.73 13.18 -10.90
CA ARG B 161 -5.04 12.02 -11.72
C ARG B 161 -6.34 12.20 -12.52
N PRO B 162 -7.48 12.48 -11.84
CA PRO B 162 -8.69 12.73 -12.64
C PRO B 162 -8.60 13.95 -13.56
N LEU B 163 -7.92 15.02 -13.16
CA LEU B 163 -7.71 16.20 -14.06
C LEU B 163 -7.08 15.78 -15.38
N LEU B 164 -6.04 14.96 -15.28
CA LEU B 164 -5.30 14.42 -16.42
C LEU B 164 -6.24 13.67 -17.36
N GLN B 165 -7.11 12.84 -16.80
CA GLN B 165 -8.10 12.09 -17.58
C GLN B 165 -9.10 13.04 -18.24
N TYR B 166 -9.54 14.06 -17.51
CA TYR B 166 -10.53 15.01 -18.04
C TYR B 166 -9.98 15.85 -19.19
N VAL B 167 -8.75 16.35 -19.06
CA VAL B 167 -8.14 17.16 -20.12
C VAL B 167 -7.85 16.35 -21.39
N GLN B 168 -7.43 15.09 -21.21
CA GLN B 168 -7.27 14.15 -22.32
C GLN B 168 -8.61 13.88 -23.03
N ASP B 169 -9.69 13.69 -22.26
CA ASP B 169 -11.07 13.55 -22.79
C ASP B 169 -11.46 14.77 -23.65
N MET B 170 -11.15 15.98 -23.18
CA MET B 170 -11.39 17.21 -23.95
C MET B 170 -10.56 17.31 -25.23
N GLY B 171 -9.37 16.70 -25.23
CA GLY B 171 -8.38 16.93 -26.28
C GLY B 171 -7.79 18.32 -26.19
N GLN B 172 -7.55 18.79 -24.97
CA GLN B 172 -7.06 20.15 -24.70
C GLN B 172 -5.89 20.17 -23.72
N GLU B 173 -5.02 19.15 -23.81
CA GLU B 173 -3.90 18.99 -22.88
C GLU B 173 -2.88 20.13 -22.97
N ASP B 174 -2.52 20.50 -24.20
CA ASP B 174 -1.54 21.57 -24.43
C ASP B 174 -2.03 22.95 -23.95
N MET B 175 -3.33 23.22 -24.14
CA MET B 175 -3.90 24.52 -23.81
C MET B 175 -4.24 24.65 -22.31
N LEU B 176 -4.93 23.65 -21.77
CA LEU B 176 -5.55 23.75 -20.44
C LEU B 176 -4.79 23.08 -19.27
N LEU B 177 -3.96 22.07 -19.55
CA LEU B 177 -3.36 21.27 -18.46
C LEU B 177 -2.41 22.06 -17.53
N PRO B 178 -1.43 22.81 -18.06
CA PRO B 178 -0.54 23.56 -17.15
C PRO B 178 -1.29 24.53 -16.21
N LEU B 179 -2.26 25.28 -16.73
CA LEU B 179 -3.04 26.19 -15.90
C LEU B 179 -3.93 25.45 -14.91
N ALA B 180 -4.67 24.45 -15.37
CA ALA B 180 -5.55 23.66 -14.50
C ALA B 180 -4.80 22.94 -13.36
N TRP B 181 -3.61 22.44 -13.69
CA TRP B 181 -2.71 21.81 -12.72
C TRP B 181 -2.29 22.81 -11.63
N ARG B 182 -1.91 24.01 -12.06
CA ARG B 182 -1.51 25.07 -11.14
C ARG B 182 -2.67 25.54 -10.22
N ILE B 183 -3.90 25.53 -10.73
CA ILE B 183 -5.09 25.84 -9.90
C ILE B 183 -5.36 24.70 -8.90
N VAL B 184 -5.12 23.44 -9.29
CA VAL B 184 -5.17 22.32 -8.34
C VAL B 184 -4.20 22.55 -7.17
N ASN B 185 -2.96 22.93 -7.47
CA ASN B 185 -1.99 23.26 -6.42
C ASN B 185 -2.52 24.33 -5.47
N ASP B 186 -3.11 25.38 -6.03
CA ASP B 186 -3.65 26.49 -5.25
C ASP B 186 -4.78 26.09 -4.30
N THR B 187 -5.58 25.08 -4.68
CA THR B 187 -6.69 24.64 -3.81
C THR B 187 -6.21 24.06 -2.47
N TYR B 188 -4.97 23.58 -2.42
CA TYR B 188 -4.34 23.15 -1.15
C TYR B 188 -4.08 24.30 -0.16
N ARG B 189 -4.20 25.55 -0.63
CA ARG B 189 -4.23 26.70 0.28
C ARG B 189 -5.60 26.91 0.95
N THR B 190 -6.56 26.00 0.74
CA THR B 190 -7.89 26.04 1.35
C THR B 190 -8.21 24.71 2.03
N ASP B 191 -9.37 24.62 2.66
CA ASP B 191 -9.91 23.38 3.23
C ASP B 191 -10.57 22.39 2.24
N LEU B 192 -10.52 22.67 0.93
CA LEU B 192 -11.30 21.89 -0.07
C LEU B 192 -11.01 20.39 -0.05
N CYS B 193 -9.76 20.01 0.17
CA CYS B 193 -9.37 18.58 0.18
C CYS B 193 -9.97 17.79 1.35
N LEU B 194 -10.38 18.48 2.42
CA LEU B 194 -11.08 17.86 3.55
C LEU B 194 -12.60 17.75 3.37
N LEU B 195 -13.17 18.43 2.37
CA LEU B 195 -14.61 18.59 2.25
C LEU B 195 -15.23 17.95 1.00
N TYR B 196 -14.46 17.81 -0.09
CA TYR B 196 -14.98 17.31 -1.38
C TYR B 196 -14.10 16.18 -1.93
N PRO B 197 -14.71 15.17 -2.60
CA PRO B 197 -13.96 14.20 -3.40
C PRO B 197 -13.05 14.88 -4.42
N PRO B 198 -11.83 14.33 -4.65
CA PRO B 198 -10.86 14.98 -5.54
C PRO B 198 -11.32 15.23 -6.98
N PHE B 199 -12.10 14.32 -7.56
CA PHE B 199 -12.56 14.49 -8.94
C PHE B 199 -13.41 15.76 -9.12
N MET B 200 -14.18 16.13 -8.08
CA MET B 200 -14.98 17.37 -8.10
C MET B 200 -14.10 18.62 -8.06
N ILE B 201 -13.01 18.56 -7.30
CA ILE B 201 -12.02 19.64 -7.24
C ILE B 201 -11.35 19.77 -8.61
N ALA B 202 -10.97 18.64 -9.21
CA ALA B 202 -10.41 18.60 -10.57
C ALA B 202 -11.30 19.32 -11.60
N LEU B 203 -12.60 19.01 -11.58
CA LEU B 203 -13.56 19.62 -12.51
C LEU B 203 -13.70 21.13 -12.32
N ALA B 204 -13.76 21.58 -11.06
CA ALA B 204 -13.80 23.01 -10.72
C ALA B 204 -12.53 23.75 -11.15
N CYS B 205 -11.36 23.14 -10.96
CA CYS B 205 -10.10 23.70 -11.45
C CYS B 205 -10.06 23.80 -12.97
N LEU B 206 -10.54 22.76 -13.65
CA LEU B 206 -10.64 22.76 -15.13
C LEU B 206 -11.64 23.81 -15.63
N HIS B 207 -12.76 23.98 -14.92
CA HIS B 207 -13.72 25.06 -15.24
C HIS B 207 -13.09 26.47 -15.14
N VAL B 208 -12.38 26.75 -14.05
CA VAL B 208 -11.69 28.05 -13.88
C VAL B 208 -10.66 28.26 -14.99
N ALA B 209 -9.89 27.22 -15.29
CA ALA B 209 -8.91 27.26 -16.39
C ALA B 209 -9.56 27.61 -17.75
N CYS B 210 -10.72 27.00 -18.02
CA CYS B 210 -11.49 27.30 -19.23
C CYS B 210 -11.99 28.75 -19.31
N VAL B 211 -12.42 29.30 -18.17
CA VAL B 211 -12.89 30.68 -18.08
C VAL B 211 -11.74 31.68 -18.26
N VAL B 212 -10.63 31.43 -17.58
CA VAL B 212 -9.43 32.26 -17.71
C VAL B 212 -8.97 32.33 -19.18
N GLN B 213 -8.91 31.18 -19.84
CA GLN B 213 -8.45 31.10 -21.24
C GLN B 213 -9.55 31.29 -22.31
N GLN B 214 -10.74 31.72 -21.89
CA GLN B 214 -11.88 32.02 -22.80
C GLN B 214 -12.24 30.83 -23.70
N LYS B 215 -12.16 29.62 -23.13
CA LYS B 215 -12.44 28.38 -23.83
C LYS B 215 -13.87 27.96 -23.49
N ASP B 216 -14.70 27.77 -24.52
CA ASP B 216 -16.09 27.34 -24.36
C ASP B 216 -16.13 25.81 -24.25
N ALA B 217 -16.40 25.31 -23.03
CA ALA B 217 -16.54 23.88 -22.76
C ALA B 217 -17.89 23.52 -22.11
N ARG B 218 -18.92 24.35 -22.32
CA ARG B 218 -20.24 24.15 -21.70
C ARG B 218 -20.87 22.82 -22.09
N GLN B 219 -20.76 22.46 -23.37
CA GLN B 219 -21.25 21.19 -23.88
C GLN B 219 -20.54 19.98 -23.28
N TRP B 220 -19.22 20.08 -23.06
CA TRP B 220 -18.44 19.00 -22.45
C TRP B 220 -18.85 18.76 -20.98
N PHE B 221 -19.00 19.84 -20.22
CA PHE B 221 -19.48 19.77 -18.83
C PHE B 221 -20.92 19.23 -18.73
N ALA B 222 -21.74 19.55 -19.73
CA ALA B 222 -23.11 19.01 -19.86
C ALA B 222 -23.16 17.48 -20.02
N GLU B 223 -22.18 16.91 -20.72
CA GLU B 223 -22.11 15.44 -20.92
C GLU B 223 -21.63 14.64 -19.69
N LEU B 224 -21.28 15.35 -18.61
CA LEU B 224 -20.95 14.70 -17.31
C LEU B 224 -22.20 14.51 -16.46
N SER B 225 -22.22 13.43 -15.69
CA SER B 225 -23.26 13.17 -14.69
C SER B 225 -22.73 13.57 -13.32
N VAL B 226 -22.85 14.85 -12.98
CA VAL B 226 -22.34 15.38 -11.71
C VAL B 226 -23.22 16.49 -11.13
N ASP B 227 -23.26 16.58 -9.81
CA ASP B 227 -23.89 17.71 -9.09
C ASP B 227 -23.08 18.99 -9.38
N MET B 228 -23.63 19.83 -10.25
CA MET B 228 -22.98 21.10 -10.61
C MET B 228 -23.05 22.17 -9.51
N GLU B 229 -24.05 22.08 -8.64
CA GLU B 229 -24.13 22.97 -7.47
C GLU B 229 -22.90 22.83 -6.57
N LYS B 230 -22.45 21.59 -6.35
CA LYS B 230 -21.23 21.35 -5.58
C LYS B 230 -19.98 21.88 -6.33
N ILE B 231 -19.95 21.71 -7.65
CA ILE B 231 -18.84 22.23 -8.46
C ILE B 231 -18.76 23.76 -8.35
N LEU B 232 -19.92 24.43 -8.44
CA LEU B 232 -20.00 25.88 -8.29
C LEU B 232 -19.56 26.35 -6.91
N GLU B 233 -19.95 25.62 -5.86
CA GLU B 233 -19.44 25.87 -4.50
C GLU B 233 -17.91 25.89 -4.45
N ILE B 234 -17.28 24.92 -5.11
CA ILE B 234 -15.81 24.79 -5.12
C ILE B 234 -15.17 25.95 -5.89
N ILE B 235 -15.74 26.26 -7.07
CA ILE B 235 -15.31 27.43 -7.87
C ILE B 235 -15.34 28.72 -7.06
N ARG B 236 -16.40 28.93 -6.29
CA ARG B 236 -16.53 30.12 -5.43
C ARG B 236 -15.41 30.22 -4.38
N VAL B 237 -14.99 29.10 -3.81
CA VAL B 237 -13.85 29.08 -2.87
C VAL B 237 -12.53 29.42 -3.57
N ILE B 238 -12.35 28.91 -4.79
CA ILE B 238 -11.17 29.19 -5.62
C ILE B 238 -11.06 30.68 -5.95
N LEU B 239 -12.16 31.28 -6.41
CA LEU B 239 -12.22 32.72 -6.68
C LEU B 239 -11.97 33.54 -5.41
N LYS B 240 -12.50 33.08 -4.28
CA LYS B 240 -12.26 33.72 -2.99
C LYS B 240 -10.79 33.64 -2.57
N LEU B 241 -10.13 32.51 -2.82
CA LEU B 241 -8.70 32.37 -2.50
C LEU B 241 -7.89 33.41 -3.25
N TYR B 242 -8.20 33.65 -4.52
CA TYR B 242 -7.46 34.60 -5.33
C TYR B 242 -7.64 36.06 -4.90
N GLU B 243 -8.80 36.38 -4.31
CA GLU B 243 -9.01 37.69 -3.70
C GLU B 243 -8.26 37.83 -2.39
N GLN B 244 -8.25 36.79 -1.55
CA GLN B 244 -7.45 36.77 -0.32
C GLN B 244 -5.94 36.90 -0.60
N TRP B 245 -5.46 36.11 -1.58
CA TRP B 245 -4.07 36.14 -2.09
C TRP B 245 -3.61 37.57 -2.42
N LYS B 246 -4.41 38.26 -3.22
CA LYS B 246 -4.17 39.67 -3.57
C LYS B 246 -4.02 40.58 -2.34
N ASN B 247 -4.91 40.43 -1.37
CA ASN B 247 -4.92 41.28 -0.17
C ASN B 247 -3.95 40.84 0.94
N PHE B 248 -3.32 39.67 0.77
CA PHE B 248 -2.42 39.09 1.76
C PHE B 248 -0.97 39.31 1.31
N ASP B 249 -0.16 39.91 2.18
CA ASP B 249 1.31 39.91 2.01
C ASP B 249 1.89 39.09 3.14
N GLU B 250 2.15 37.81 2.85
CA GLU B 250 2.62 36.87 3.86
C GLU B 250 3.98 37.26 4.45
N ARG B 251 4.82 37.88 3.63
CA ARG B 251 6.14 38.32 4.07
C ARG B 251 6.07 39.42 5.14
N LYS B 252 5.12 40.35 4.97
CA LYS B 252 4.94 41.45 5.93
C LYS B 252 4.19 41.04 7.22
N GLU B 253 3.36 40.01 7.14
CA GLU B 253 2.39 39.67 8.18
C GLU B 253 2.69 38.43 9.00
N MET B 254 3.47 37.47 8.47
CA MET B 254 3.53 36.14 9.11
C MET B 254 4.26 36.07 10.46
N ALA B 255 5.26 36.92 10.68
CA ALA B 255 5.95 36.95 11.97
C ALA B 255 4.99 37.37 13.09
N THR B 256 4.14 38.35 12.80
CA THR B 256 3.10 38.81 13.72
C THR B 256 2.02 37.75 13.97
N ILE B 257 1.56 37.09 12.92
CA ILE B 257 0.51 36.06 13.04
C ILE B 257 1.02 34.83 13.82
N LEU B 258 2.26 34.41 13.53
CA LEU B 258 2.92 33.32 14.28
C LEU B 258 3.10 33.62 15.77
N SER B 259 3.38 34.87 16.12
CA SER B 259 3.52 35.25 17.53
C SER B 259 2.17 35.20 18.28
N LYS B 260 1.06 35.38 17.57
CA LYS B 260 -0.30 35.26 18.14
C LYS B 260 -0.77 33.82 18.34
N MET B 261 -0.17 32.84 17.64
CA MET B 261 -0.51 31.42 17.81
C MET B 261 -0.42 31.01 19.26
N PRO B 262 -1.39 30.19 19.74
CA PRO B 262 -1.18 29.62 21.06
C PRO B 262 0.04 28.68 21.03
N LYS B 263 0.85 28.70 22.08
CA LYS B 263 2.11 27.94 22.11
C LYS B 263 2.03 26.76 23.11
N PRO B 264 2.76 25.64 22.82
CA PRO B 264 2.69 24.45 23.67
C PRO B 264 3.11 24.69 25.11
N LYS B 265 2.27 24.27 26.06
CA LYS B 265 2.56 24.42 27.50
C LYS B 265 3.65 23.43 27.95
N PRO B 266 4.65 23.90 28.72
CA PRO B 266 5.66 22.99 29.27
C PRO B 266 5.14 22.19 30.48
N PRO B 267 5.88 21.15 30.90
CA PRO B 267 5.51 20.44 32.12
C PRO B 267 5.76 21.27 33.39
N PRO B 268 5.22 20.85 34.55
CA PRO B 268 5.43 21.58 35.81
C PRO B 268 6.84 21.38 36.39
N11 0SW C . 1.71 -16.30 10.31
C10 0SW C . 0.37 -16.28 10.79
C2 0SW C . -0.49 -15.20 10.55
C4 0SW C . -0.10 -14.05 9.84
C6 0SW C . -0.99 -13.00 9.64
C5 0SW C . -2.28 -13.09 10.13
C3 0SW C . -2.68 -14.22 10.84
N8 0SW C . -0.13 -17.37 11.51
C7 0SW C . -1.42 -17.42 12.00
N9 0SW C . -2.27 -16.35 11.76
C1 0SW C . -1.80 -15.26 11.05
C12 0SW C . 2.51 -17.52 10.53
C13 0SW C . 2.12 -18.60 9.50
C14 0SW C . 3.20 -19.64 9.26
C19 0SW C . 4.10 -20.04 10.26
C18 0SW C . 5.08 -21.02 10.01
C16 0SW C . 5.14 -21.60 8.74
C15 0SW C . 4.24 -21.21 7.74
C17 0SW C . 3.28 -20.24 8.01
C1 EDO D . -11.50 2.11 6.15
O1 EDO D . -12.57 2.98 6.54
C2 EDO D . -11.64 1.60 4.71
O2 EDO D . -10.89 0.39 4.48
C1 EDO E . 5.81 -13.56 -6.93
O1 EDO E . 4.75 -13.55 -5.99
C2 EDO E . 6.77 -14.65 -6.52
O2 EDO E . 8.02 -14.53 -7.19
C1 EDO F . 13.43 -3.33 0.89
O1 EDO F . 12.07 -3.01 1.19
C2 EDO F . 13.49 -4.35 -0.25
O2 EDO F . 13.82 -3.76 -1.52
C1 EDO G . -6.58 -35.70 -12.44
O1 EDO G . -5.86 -35.72 -13.67
C2 EDO G . -6.38 -34.36 -11.73
O2 EDO G . -6.40 -34.48 -10.29
C1 EDO H . -8.43 -20.28 -19.65
O1 EDO H . -9.36 -19.79 -18.66
C2 EDO H . -8.07 -19.13 -20.60
O2 EDO H . -7.58 -19.58 -21.88
C1 EDO I . 0.43 -10.33 7.14
O1 EDO I . 0.90 -9.38 6.17
C2 EDO I . 1.59 -11.03 7.84
O2 EDO I . 2.81 -10.28 7.73
C1 EDO J . -2.47 6.92 -4.43
O1 EDO J . -1.75 5.68 -4.35
C2 EDO J . -3.95 6.62 -4.56
O2 EDO J . -4.20 5.89 -5.77
C1 EDO K . -11.87 10.30 -6.34
O1 EDO K . -11.82 11.55 -7.00
C2 EDO K . -12.07 9.18 -7.37
O2 EDO K . -13.46 8.97 -7.66
C1 EDO L . 0.13 21.92 -2.65
O1 EDO L . 1.42 22.41 -3.01
C2 EDO L . 0.19 20.40 -2.54
O2 EDO L . 0.07 19.75 -3.81
C1 EDO M . 0.56 33.00 -1.43
O1 EDO M . 0.26 33.99 -0.42
C2 EDO M . -0.59 32.00 -1.54
O2 EDO M . -0.14 30.63 -1.51
C1 EDO N . 8.87 19.42 -6.78
O1 EDO N . 9.75 18.32 -7.01
C2 EDO N . 7.57 19.22 -7.53
O2 EDO N . 6.72 20.37 -7.41
C1 EDO O . -6.62 1.32 12.50
O1 EDO O . -7.91 1.37 13.10
C2 EDO O . -5.54 1.59 13.53
O2 EDO O . -5.74 0.80 14.72
C1 EDO P . 2.10 13.96 -9.61
O1 EDO P . 3.14 13.64 -8.69
C2 EDO P . 0.94 12.96 -9.46
O2 EDO P . 0.41 12.49 -10.70
C FMT Q . -1.76 23.50 5.41
O1 FMT Q . -2.72 24.08 5.92
O2 FMT Q . -1.85 22.99 4.29
#